data_9O6K
#
_entry.id   9O6K
#
_cell.length_a   1.00
_cell.length_b   1.00
_cell.length_c   1.00
_cell.angle_alpha   90.00
_cell.angle_beta   90.00
_cell.angle_gamma   90.00
#
_symmetry.space_group_name_H-M   'P 1'
#
loop_
_entity.id
_entity.type
_entity.pdbx_description
1 polymer AMT7
2 polymer 'mRNA m(6)A methyltransferase'
3 polymer 'Myb-like domain-containing protein'
4 polymer AMTP2
5 non-polymer S-ADENOSYL-L-HOMOCYSTEINE
#
loop_
_entity_poly.entity_id
_entity_poly.type
_entity_poly.pdbx_seq_one_letter_code
_entity_poly.pdbx_strand_id
1 'polypeptide(L)'
;MGAPKKQEQEPIRLSTRTASKKVDYLQLSNGKLEDFFDDLEEDNKPARNRSRSKKRGRKPLKKADSRSKTPSRVSNARGR
SKSLGPRKTYPRKKNLSPDNQLSLLLKWRNDKIPLKSASETDNKCKVVNVKNIFKSDLSKYGANLQALFINALWKVKSRK
EKEGLNINDLSNLKIPLSLMKNGILFIWSEKEILGQIVEIMEQKGFTYIENFSIMFLGLNKCLQSINHKDEDSQNSTAST
NNTNNEAITSDLTLKDTSKFSDQIQDNHSEDSDQARKQQTPDDITQKKNKLLKKSSVPSIQKLFEEDPVQTPSVNKPIEK
SIEQVTQEKKFVMNNLDILKSTDINNLFLRNNYPYFKKTRHTLLMFRRIGDKNQKLELRHQRTSDVVFEVTDEQDPSKVD
TMMKEYVYQMIETLLPKAQFIPGVDKHLKMMELFASTDNYRPGWISVIEK
;
A
2 'polypeptide(L)'
;MSKAVNKKGLRPRKSDSILDHIKNKLDQEFLEDNENGEQSDEDYDQKSLNKAKKPYKKRQTQNGSELVISQQKTKAKASA
NNKKSAKNSQKLDEEEKIVEEEDLSPQKNGAVSEDDQQQEASTQEDDYLDRLPKSKKGLQGLLQDIEKRILHYKQLFFKE
QNEIANGKRSMVPDNSIPICSDVTKLNFQALIDAQMRHAGKMFDVIMMDPPWQLSSSQPSRGVAIAYDSLSDEKIQNMPI
QSLQQDGFIFVWAINAKYRVTIKMIENWGYKLVDEITWVKKTVNGKIAKGHGFYLQHAKESCLIGVKGDVDNGRFKKNIA
SDVIFSERRGQSQKPEEIYQYINQLCPNGNYLEIFARRNNLHDNWVSIGNEL
;
B
3 'polypeptide(L)'
;MSLKKGKFQHNQSKSLWNYTLSPGWREEEVKILKSALQLFGIGKWKKIMESGCLPGKSIGQIYMQTQRLLGQQSLGDFMG
LQIDLEAVFNQNMKKQDVLRKNNCIINTGDNPTKEERKRRIEQNRKIYGLSAKQIAEIKLPKVKKHAPQYMTLEDIENEK
FTNLEILTHLYNLKAEIVRRLAEQGETIAQPSIIKSLNNLNHNLEQNQNSNSSTETKVTLEQSGKKKYKVLAIEETELQN
GPIATNSQKKSINGKRKNNRKINSDSEGNEEDISLEDIDSQESEINSEEIVEDDEEDEQIEEPSKIKKRKKNPEQESEED
DIEEDQEEDELVVNEEEIFEDDDDDEDNQDSSEDDDDDED
;
C
4 'polypeptide(L)'
;MKKNGKSQNQPLDFTQYAKNMRKDLSNQDICLEDGALNHSYFLTKKGQYWTPLNQKALQRGIELFGVGNWKEINYDEFSG
KANIVELELRTCMILGINDITEYYGKKISEEEQEEIKKSNIAKGKKENKLKDNIYQKLQQMQ
;
H
#
# COMPACT_ATOMS: atom_id res chain seq x y z
N ASP A 99 -19.87 10.14 -10.24
CA ASP A 99 -20.24 8.96 -9.46
C ASP A 99 -19.17 7.89 -9.56
N ASN A 100 -19.21 7.10 -10.64
CA ASN A 100 -18.18 6.09 -10.87
C ASN A 100 -16.85 6.70 -11.28
N GLN A 101 -16.84 7.98 -11.69
CA GLN A 101 -15.69 8.61 -12.32
C GLN A 101 -15.25 7.84 -13.56
N LEU A 102 -16.19 7.11 -14.17
CA LEU A 102 -15.90 6.29 -15.33
C LEU A 102 -15.50 7.10 -16.55
N SER A 103 -15.77 8.42 -16.53
CA SER A 103 -15.29 9.27 -17.61
C SER A 103 -13.76 9.25 -17.69
N LEU A 104 -13.10 9.31 -16.54
CA LEU A 104 -11.64 9.20 -16.54
C LEU A 104 -11.19 7.78 -16.87
N LEU A 105 -12.02 6.78 -16.58
CA LEU A 105 -11.64 5.39 -16.85
C LEU A 105 -11.46 5.16 -18.35
N LEU A 106 -12.37 5.69 -19.17
CA LEU A 106 -12.31 5.53 -20.61
C LEU A 106 -11.85 6.80 -21.31
N LYS A 107 -11.12 7.66 -20.62
CA LYS A 107 -10.69 8.93 -21.19
C LYS A 107 -9.81 8.71 -22.41
N TRP A 108 -8.86 7.77 -22.31
CA TRP A 108 -7.98 7.48 -23.44
C TRP A 108 -8.70 6.72 -24.55
N ARG A 109 -9.82 6.09 -24.23
CA ARG A 109 -10.61 5.41 -25.26
C ARG A 109 -11.32 6.42 -26.16
N ASN A 110 -11.62 7.61 -25.63
CA ASN A 110 -12.13 8.68 -26.47
C ASN A 110 -11.12 9.15 -27.51
N ASP A 111 -9.84 8.84 -27.30
CA ASP A 111 -8.79 9.13 -28.28
C ASP A 111 -8.64 7.89 -29.16
N LYS A 112 -9.29 7.91 -30.33
CA LYS A 112 -9.36 6.71 -31.14
C LYS A 112 -8.08 6.49 -31.94
N ILE A 113 -7.78 7.42 -32.85
CA ILE A 113 -6.62 7.37 -33.74
C ILE A 113 -6.40 5.95 -34.30
N PRO A 114 -7.30 5.46 -35.17
CA PRO A 114 -7.11 4.13 -35.75
C PRO A 114 -5.98 4.08 -36.77
N ALA A 118 -0.89 1.37 -42.00
CA ALA A 118 -1.26 0.60 -43.19
C ALA A 118 -0.35 0.90 -44.36
N SER A 119 0.92 1.17 -44.06
CA SER A 119 1.88 1.50 -45.10
C SER A 119 2.14 0.31 -46.00
N GLU A 120 2.21 0.57 -47.30
CA GLU A 120 2.53 -0.47 -48.28
C GLU A 120 3.98 -0.91 -48.11
N THR A 121 4.38 -1.91 -48.89
CA THR A 121 5.76 -2.38 -48.88
C THR A 121 6.67 -1.27 -49.40
N ASP A 122 7.42 -0.64 -48.51
CA ASP A 122 8.27 0.50 -48.84
C ASP A 122 9.37 0.60 -47.80
N ASN A 123 10.06 1.75 -47.78
CA ASN A 123 11.10 1.99 -46.79
C ASN A 123 10.55 2.17 -45.38
N LYS A 124 9.23 2.33 -45.23
CA LYS A 124 8.61 2.48 -43.92
C LYS A 124 8.00 1.20 -43.39
N CYS A 125 7.60 0.28 -44.27
CA CYS A 125 6.99 -0.97 -43.86
C CYS A 125 7.67 -2.13 -44.57
N LYS A 126 8.05 -3.16 -43.81
CA LYS A 126 8.64 -4.37 -44.37
C LYS A 126 7.70 -5.53 -44.09
N VAL A 127 7.58 -6.42 -45.07
CA VAL A 127 6.59 -7.49 -45.05
C VAL A 127 7.30 -8.83 -45.21
N VAL A 128 6.92 -9.79 -44.35
CA VAL A 128 7.39 -11.16 -44.44
C VAL A 128 6.18 -12.07 -44.25
N ASN A 129 6.02 -13.06 -45.13
CA ASN A 129 4.92 -14.01 -45.03
C ASN A 129 5.49 -15.40 -45.27
N VAL A 130 5.88 -16.06 -44.19
CA VAL A 130 6.44 -17.41 -44.23
C VAL A 130 5.47 -18.33 -43.51
N LYS A 131 5.24 -19.52 -44.06
CA LYS A 131 4.39 -20.52 -43.37
C LYS A 131 4.98 -20.96 -42.01
N ASN A 132 6.24 -20.64 -41.72
CA ASN A 132 6.80 -20.99 -40.38
C ASN A 132 7.33 -19.74 -39.67
N ILE A 133 7.25 -19.71 -38.32
CA ILE A 133 7.66 -18.49 -37.56
C ILE A 133 8.44 -18.89 -36.29
N PHE A 134 7.90 -19.82 -35.49
CA PHE A 134 8.63 -20.28 -34.27
C PHE A 134 9.80 -21.15 -34.73
N LYS A 135 10.01 -21.27 -36.04
CA LYS A 135 11.17 -22.04 -36.57
C LYS A 135 12.01 -21.12 -37.48
N SER A 136 11.37 -20.19 -38.19
CA SER A 136 12.11 -19.32 -39.14
C SER A 136 13.03 -18.36 -38.38
N ASP A 137 14.30 -18.26 -38.80
CA ASP A 137 15.23 -17.30 -38.15
C ASP A 137 14.68 -15.89 -38.33
N LEU A 138 14.67 -15.09 -37.26
CA LEU A 138 14.22 -13.72 -37.46
C LEU A 138 15.36 -12.71 -37.46
N SER A 139 16.58 -13.12 -37.13
CA SER A 139 17.69 -12.17 -37.12
C SER A 139 18.03 -11.68 -38.51
N LYS A 140 17.67 -12.45 -39.54
CA LYS A 140 17.86 -11.99 -40.91
C LYS A 140 16.85 -10.94 -41.31
N TYR A 141 15.73 -10.84 -40.61
CA TYR A 141 14.72 -9.82 -40.87
C TYR A 141 14.97 -8.52 -40.11
N GLY A 142 16.00 -8.47 -39.26
CA GLY A 142 16.29 -7.28 -38.50
C GLY A 142 17.27 -7.52 -37.38
N ALA A 143 18.17 -6.56 -37.15
CA ALA A 143 19.17 -6.66 -36.10
C ALA A 143 19.19 -5.37 -35.30
N ASN A 144 19.55 -5.51 -34.01
CA ASN A 144 19.62 -4.39 -33.08
C ASN A 144 18.28 -3.65 -33.00
N LEU A 145 17.19 -4.40 -33.09
CA LEU A 145 15.85 -3.84 -32.98
C LEU A 145 15.47 -3.68 -31.52
N GLN A 146 14.39 -2.92 -31.28
CA GLN A 146 13.94 -2.61 -29.94
C GLN A 146 12.60 -3.25 -29.59
N ALA A 147 11.57 -3.00 -30.38
CA ALA A 147 10.23 -3.52 -30.14
C ALA A 147 10.03 -4.79 -30.95
N LEU A 148 9.61 -5.86 -30.28
CA LEU A 148 9.41 -7.15 -30.94
C LEU A 148 8.12 -7.72 -30.38
N PHE A 149 7.06 -7.67 -31.16
CA PHE A 149 5.74 -8.11 -30.72
C PHE A 149 5.36 -9.41 -31.42
N ILE A 150 4.75 -10.32 -30.67
CA ILE A 150 4.16 -11.53 -31.21
C ILE A 150 2.73 -11.61 -30.68
N ASN A 151 1.78 -11.86 -31.59
CA ASN A 151 0.37 -11.94 -31.20
C ASN A 151 -0.01 -13.41 -31.01
N ALA A 152 0.48 -13.96 -29.90
CA ALA A 152 0.32 -15.38 -29.60
C ALA A 152 -1.05 -15.62 -28.99
N LEU A 153 -2.01 -16.00 -29.84
CA LEU A 153 -3.37 -16.28 -29.37
C LEU A 153 -3.43 -17.69 -28.81
N TRP A 154 -2.97 -17.86 -27.57
CA TRP A 154 -3.22 -19.12 -26.88
C TRP A 154 -4.69 -19.22 -26.52
N LYS A 155 -5.17 -20.46 -26.44
CA LYS A 155 -6.59 -20.69 -26.15
C LYS A 155 -6.77 -22.13 -25.69
N VAL A 156 -7.38 -22.32 -24.53
CA VAL A 156 -7.71 -23.65 -24.02
C VAL A 156 -9.14 -23.66 -23.52
N LYS A 162 -11.09 -24.61 -28.42
CA LYS A 162 -10.13 -24.64 -29.52
C LYS A 162 -8.81 -24.00 -29.11
N GLU A 163 -7.88 -23.90 -30.07
CA GLU A 163 -6.58 -23.32 -29.81
C GLU A 163 -6.02 -22.75 -31.11
N GLY A 164 -5.22 -21.70 -30.99
CA GLY A 164 -4.56 -21.14 -32.14
C GLY A 164 -3.12 -21.61 -32.25
N LEU A 165 -2.38 -21.53 -31.15
CA LEU A 165 -0.99 -21.96 -31.10
C LEU A 165 -0.81 -22.90 -29.92
N ASN A 166 0.02 -23.92 -30.11
CA ASN A 166 0.36 -24.86 -29.03
C ASN A 166 1.51 -24.30 -28.20
N ILE A 167 1.35 -24.38 -26.88
CA ILE A 167 2.32 -23.77 -25.97
C ILE A 167 3.69 -24.44 -26.14
N ASN A 168 3.72 -25.77 -26.18
CA ASN A 168 4.98 -26.49 -26.25
C ASN A 168 5.78 -26.15 -27.50
N ASP A 169 5.13 -25.62 -28.54
CA ASP A 169 5.85 -25.20 -29.72
C ASP A 169 6.80 -24.05 -29.41
N LEU A 170 6.38 -23.12 -28.54
CA LEU A 170 7.14 -21.90 -28.31
C LEU A 170 8.57 -22.19 -27.88
N SER A 171 8.80 -23.33 -27.21
CA SER A 171 10.12 -23.66 -26.71
C SER A 171 11.15 -23.84 -27.83
N ASN A 172 10.72 -24.14 -29.05
CA ASN A 172 11.70 -24.42 -30.11
C ASN A 172 12.15 -23.17 -30.87
N LEU A 173 11.52 -22.03 -30.64
CA LEU A 173 11.96 -20.80 -31.29
C LEU A 173 13.30 -20.33 -30.71
N LYS A 174 14.15 -19.80 -31.57
CA LYS A 174 15.48 -19.35 -31.18
C LYS A 174 15.56 -17.84 -31.33
N ILE A 175 15.99 -17.16 -30.28
CA ILE A 175 16.30 -15.74 -30.35
C ILE A 175 17.79 -15.54 -30.11
N PRO A 176 18.53 -15.08 -31.10
CA PRO A 176 19.96 -14.84 -30.92
C PRO A 176 20.24 -13.41 -30.49
N LEU A 177 21.42 -13.23 -29.88
CA LEU A 177 21.86 -11.89 -29.50
C LEU A 177 22.10 -11.02 -30.73
N SER A 178 22.45 -11.65 -31.86
CA SER A 178 22.62 -10.89 -33.10
C SER A 178 21.29 -10.31 -33.58
N LEU A 179 20.18 -10.99 -33.33
CA LEU A 179 18.87 -10.44 -33.64
C LEU A 179 18.65 -9.13 -32.89
N MET A 180 19.02 -9.11 -31.61
CA MET A 180 18.77 -7.96 -30.75
C MET A 180 19.67 -8.07 -29.54
N LYS A 181 20.38 -6.98 -29.23
CA LYS A 181 21.15 -6.91 -27.99
C LYS A 181 20.28 -6.35 -26.86
N ASN A 182 19.69 -5.19 -27.08
CA ASN A 182 18.80 -4.55 -26.12
C ASN A 182 17.43 -4.44 -26.76
N GLY A 183 16.42 -5.03 -26.12
CA GLY A 183 15.11 -5.06 -26.75
C GLY A 183 14.05 -5.63 -25.83
N ILE A 184 12.84 -5.76 -26.37
CA ILE A 184 11.69 -6.25 -25.60
C ILE A 184 10.86 -7.17 -26.48
N LEU A 185 10.32 -8.22 -25.87
CA LEU A 185 9.33 -9.09 -26.48
C LEU A 185 7.98 -8.92 -25.79
N PHE A 186 6.91 -8.95 -26.57
CA PHE A 186 5.55 -8.81 -26.08
C PHE A 186 4.74 -10.01 -26.54
N ILE A 187 4.06 -10.66 -25.61
CA ILE A 187 3.37 -11.91 -25.87
C ILE A 187 2.03 -11.91 -25.14
N TRP A 188 1.05 -12.60 -25.71
CA TRP A 188 -0.27 -12.67 -25.10
C TRP A 188 -0.36 -13.85 -24.14
N SER A 189 -1.28 -13.75 -23.19
CA SER A 189 -1.53 -14.84 -22.25
C SER A 189 -3.03 -15.10 -22.16
N GLU A 190 -3.38 -16.37 -22.02
CA GLU A 190 -4.77 -16.79 -21.94
C GLU A 190 -4.99 -17.58 -20.66
N LYS A 191 -6.12 -17.31 -19.99
CA LYS A 191 -6.33 -17.82 -18.63
C LYS A 191 -6.43 -19.34 -18.60
N GLU A 192 -7.17 -19.94 -19.55
CA GLU A 192 -7.28 -21.39 -19.56
C GLU A 192 -5.95 -22.07 -19.86
N ILE A 193 -4.98 -21.32 -20.36
CA ILE A 193 -3.63 -21.80 -20.58
C ILE A 193 -2.63 -21.08 -19.67
N LEU A 194 -3.11 -20.48 -18.59
CA LEU A 194 -2.24 -19.76 -17.68
C LEU A 194 -1.22 -20.71 -17.08
N GLY A 195 -0.01 -20.20 -16.87
CA GLY A 195 1.12 -21.04 -16.52
C GLY A 195 1.65 -21.77 -17.75
N GLN A 196 2.80 -22.41 -17.56
CA GLN A 196 3.49 -23.12 -18.64
C GLN A 196 3.88 -22.17 -19.76
N ILE A 197 3.71 -20.87 -19.55
CA ILE A 197 4.05 -19.84 -20.53
C ILE A 197 4.96 -18.85 -19.85
N VAL A 198 4.83 -18.75 -18.52
CA VAL A 198 5.62 -17.80 -17.75
C VAL A 198 7.06 -18.23 -17.58
N GLU A 199 7.38 -19.49 -17.88
CA GLU A 199 8.72 -20.03 -17.65
C GLU A 199 9.47 -20.36 -18.95
N ILE A 200 8.77 -20.44 -20.09
CA ILE A 200 9.44 -20.80 -21.34
C ILE A 200 10.44 -19.73 -21.75
N MET A 201 10.09 -18.45 -21.56
CA MET A 201 10.88 -17.41 -22.20
C MET A 201 12.18 -17.14 -21.48
N GLU A 202 12.24 -17.36 -20.17
CA GLU A 202 13.47 -17.07 -19.42
C GLU A 202 14.65 -17.92 -19.90
N GLN A 203 14.40 -19.17 -20.25
CA GLN A 203 15.49 -20.00 -20.76
C GLN A 203 15.93 -19.58 -22.16
N LYS A 204 15.19 -18.69 -22.82
CA LYS A 204 15.64 -18.07 -24.06
C LYS A 204 16.45 -16.81 -23.84
N GLY A 205 16.59 -16.35 -22.59
CA GLY A 205 17.52 -15.29 -22.28
C GLY A 205 16.94 -13.92 -22.01
N PHE A 206 15.76 -13.84 -21.40
CA PHE A 206 15.19 -12.58 -20.96
C PHE A 206 15.10 -12.54 -19.43
N THR A 207 14.82 -11.34 -18.91
CA THR A 207 14.59 -11.11 -17.49
C THR A 207 13.25 -10.42 -17.31
N TYR A 208 12.49 -10.86 -16.30
CA TYR A 208 11.16 -10.30 -16.06
C TYR A 208 11.28 -8.87 -15.53
N ILE A 209 10.44 -7.98 -16.05
CA ILE A 209 10.42 -6.60 -15.57
C ILE A 209 9.03 -6.21 -15.09
N GLU A 210 8.03 -6.21 -15.99
CA GLU A 210 6.66 -5.89 -15.59
C GLU A 210 5.68 -6.66 -16.47
N ASN A 211 4.40 -6.38 -16.26
CA ASN A 211 3.30 -7.02 -16.96
C ASN A 211 2.29 -5.95 -17.31
N PHE A 212 1.40 -6.25 -18.26
CA PHE A 212 0.32 -5.35 -18.60
C PHE A 212 -0.93 -6.20 -18.73
N SER A 213 -2.10 -5.60 -18.51
CA SER A 213 -3.30 -6.41 -18.49
C SER A 213 -4.52 -5.60 -18.93
N ILE A 214 -5.48 -6.29 -19.52
CA ILE A 214 -6.72 -5.69 -20.02
C ILE A 214 -7.87 -6.32 -19.25
N MET A 215 -8.66 -5.48 -18.57
CA MET A 215 -9.80 -5.94 -17.79
C MET A 215 -11.08 -5.68 -18.57
N PHE A 216 -11.80 -6.76 -18.89
CA PHE A 216 -12.97 -6.68 -19.76
C PHE A 216 -14.22 -6.46 -18.91
N LEU A 217 -14.91 -5.36 -19.15
CA LEU A 217 -16.11 -5.03 -18.38
C LEU A 217 -17.39 -5.46 -19.08
N GLY A 218 -17.49 -6.73 -19.50
CA GLY A 218 -18.78 -7.34 -19.83
C GLY A 218 -19.76 -6.51 -20.62
N LEU A 219 -19.51 -6.30 -21.91
CA LEU A 219 -20.33 -5.37 -22.70
C LEU A 219 -21.82 -5.68 -22.62
N ASN A 220 -22.19 -6.96 -22.53
CA ASN A 220 -23.59 -7.30 -22.37
C ASN A 220 -24.16 -6.72 -21.08
N LYS A 221 -23.42 -6.82 -19.98
CA LYS A 221 -23.87 -6.21 -18.74
C LYS A 221 -23.89 -4.69 -18.83
N CYS A 222 -22.96 -4.09 -19.58
CA CYS A 222 -23.00 -2.65 -19.78
C CYS A 222 -24.27 -2.22 -20.51
N LEU A 223 -24.65 -2.95 -21.56
CA LEU A 223 -25.88 -2.58 -22.26
C LEU A 223 -27.11 -2.86 -21.41
N GLN A 224 -27.06 -3.90 -20.57
CA GLN A 224 -28.16 -4.14 -19.64
C GLN A 224 -28.31 -2.99 -18.65
N SER A 225 -27.20 -2.51 -18.10
CA SER A 225 -27.27 -1.38 -17.16
C SER A 225 -27.67 -0.10 -17.86
N ILE A 226 -27.30 0.06 -19.14
CA ILE A 226 -27.78 1.19 -19.92
C ILE A 226 -29.28 1.12 -20.10
N ASN A 227 -29.81 -0.09 -20.34
CA ASN A 227 -31.24 -0.25 -20.50
C ASN A 227 -32.00 0.15 -19.23
N HIS A 228 -31.48 -0.23 -18.07
CA HIS A 228 -32.11 0.15 -16.81
C HIS A 228 -31.71 1.56 -16.39
N GLU A 319 -23.60 -14.59 -28.37
CA GLU A 319 -23.29 -14.32 -29.77
C GLU A 319 -23.49 -12.83 -30.10
N LYS A 320 -22.48 -12.23 -30.71
CA LYS A 320 -22.55 -10.82 -31.09
C LYS A 320 -21.89 -10.65 -32.45
N SER A 321 -22.52 -9.83 -33.29
CA SER A 321 -22.01 -9.56 -34.63
C SER A 321 -20.80 -8.63 -34.56
N ILE A 322 -20.10 -8.51 -35.68
CA ILE A 322 -18.97 -7.59 -35.76
C ILE A 322 -19.43 -6.16 -35.50
N GLU A 323 -20.63 -5.81 -35.98
CA GLU A 323 -21.22 -4.53 -35.63
C GLU A 323 -21.45 -4.42 -34.13
N GLN A 324 -21.96 -5.50 -33.52
CA GLN A 324 -22.24 -5.50 -32.09
C GLN A 324 -20.98 -5.49 -31.24
N VAL A 325 -19.79 -5.67 -31.84
CA VAL A 325 -18.54 -5.58 -31.11
C VAL A 325 -17.70 -4.40 -31.57
N THR A 326 -18.14 -3.66 -32.58
CA THR A 326 -17.43 -2.47 -33.04
C THR A 326 -18.22 -1.19 -32.77
N GLN A 327 -19.45 -1.09 -33.26
CA GLN A 327 -20.26 0.11 -33.06
C GLN A 327 -20.97 0.11 -31.72
N GLU A 328 -21.29 -1.06 -31.16
CA GLU A 328 -21.92 -1.09 -29.84
C GLU A 328 -20.96 -0.59 -28.76
N LYS A 329 -19.66 -0.78 -28.95
CA LYS A 329 -18.71 -0.24 -27.99
C LYS A 329 -18.66 1.28 -28.06
N LYS A 330 -18.78 1.85 -29.26
CA LYS A 330 -18.96 3.30 -29.37
C LYS A 330 -20.27 3.72 -28.71
N PHE A 331 -21.33 2.93 -28.88
CA PHE A 331 -22.63 3.25 -28.31
C PHE A 331 -22.56 3.32 -26.80
N VAL A 332 -21.92 2.33 -26.17
CA VAL A 332 -21.73 2.37 -24.73
C VAL A 332 -20.66 3.37 -24.31
N MET A 333 -19.82 3.80 -25.24
CA MET A 333 -18.80 4.79 -24.93
C MET A 333 -19.36 6.20 -24.83
N ASN A 334 -20.20 6.61 -25.78
CA ASN A 334 -20.63 8.01 -25.78
C ASN A 334 -21.58 8.31 -24.62
N ASN A 335 -22.38 7.33 -24.21
CA ASN A 335 -23.20 7.46 -23.01
C ASN A 335 -22.53 6.77 -21.82
N LEU A 336 -21.30 7.19 -21.54
CA LEU A 336 -20.51 6.55 -20.49
C LEU A 336 -20.83 7.05 -19.09
N ASP A 337 -21.53 8.19 -18.97
CA ASP A 337 -21.87 8.75 -17.67
C ASP A 337 -23.30 8.42 -17.23
N ILE A 338 -24.04 7.64 -18.00
CA ILE A 338 -25.37 7.23 -17.56
C ILE A 338 -25.32 5.96 -16.72
N LEU A 339 -24.38 5.06 -17.00
CA LEU A 339 -24.20 3.87 -16.20
C LEU A 339 -23.20 4.07 -15.07
N LYS A 340 -22.64 5.28 -14.94
CA LYS A 340 -21.74 5.58 -13.83
C LYS A 340 -22.47 5.62 -12.50
N SER A 341 -23.80 5.66 -12.51
CA SER A 341 -24.57 5.57 -11.27
C SER A 341 -24.63 4.15 -10.73
N THR A 342 -24.21 3.16 -11.51
CA THR A 342 -24.24 1.76 -11.08
C THR A 342 -22.91 1.39 -10.42
N ASP A 343 -22.74 0.12 -10.11
CA ASP A 343 -21.51 -0.39 -9.51
C ASP A 343 -20.59 -0.92 -10.60
N ILE A 344 -19.30 -0.63 -10.48
CA ILE A 344 -18.34 -1.08 -11.48
C ILE A 344 -18.27 -2.61 -11.48
N ASN A 345 -18.22 -3.21 -10.29
CA ASN A 345 -17.98 -4.64 -10.17
C ASN A 345 -19.11 -5.48 -10.76
N ASN A 346 -20.30 -4.89 -10.94
CA ASN A 346 -21.43 -5.65 -11.46
C ASN A 346 -21.20 -6.04 -12.92
N LEU A 347 -20.72 -5.12 -13.74
CA LEU A 347 -20.67 -5.30 -15.19
C LEU A 347 -19.49 -6.14 -15.66
N PHE A 348 -18.71 -6.72 -14.76
CA PHE A 348 -17.56 -7.51 -15.18
C PHE A 348 -18.00 -8.82 -15.83
N LEU A 349 -17.07 -9.46 -16.54
CA LEU A 349 -17.37 -10.72 -17.21
C LEU A 349 -17.64 -11.83 -16.21
N ARG A 350 -18.47 -12.79 -16.63
CA ARG A 350 -18.67 -14.04 -15.92
C ARG A 350 -18.48 -15.16 -16.95
N ASN A 351 -17.24 -15.58 -17.14
CA ASN A 351 -16.87 -16.58 -18.13
C ASN A 351 -16.44 -17.86 -17.42
N ASN A 352 -16.82 -19.00 -17.99
CA ASN A 352 -16.52 -20.29 -17.38
C ASN A 352 -15.01 -20.49 -17.27
N TYR A 353 -14.57 -20.91 -16.09
CA TYR A 353 -13.17 -21.16 -15.77
C TYR A 353 -13.11 -22.19 -14.66
N PRO A 354 -12.09 -23.05 -14.66
CA PRO A 354 -12.05 -24.13 -13.66
C PRO A 354 -12.05 -23.66 -12.21
N TYR A 355 -11.42 -22.52 -11.92
CA TYR A 355 -11.22 -22.09 -10.55
C TYR A 355 -12.02 -20.85 -10.17
N PHE A 356 -12.17 -19.89 -11.07
CA PHE A 356 -12.86 -18.63 -10.80
C PHE A 356 -13.67 -18.30 -12.05
N LYS A 357 -14.08 -17.05 -12.18
CA LYS A 357 -14.72 -16.55 -13.40
C LYS A 357 -13.69 -15.73 -14.17
N LYS A 358 -13.37 -16.17 -15.37
CA LYS A 358 -12.35 -15.51 -16.19
C LYS A 358 -12.85 -14.16 -16.66
N THR A 359 -12.03 -13.12 -16.48
CA THR A 359 -12.47 -11.76 -16.82
C THR A 359 -11.46 -10.99 -17.68
N ARG A 360 -10.17 -11.26 -17.54
CA ARG A 360 -9.16 -10.38 -18.09
C ARG A 360 -8.14 -11.12 -18.94
N HIS A 361 -7.48 -10.35 -19.81
CA HIS A 361 -6.39 -10.83 -20.65
C HIS A 361 -5.09 -10.13 -20.26
N THR A 362 -3.97 -10.59 -20.81
CA THR A 362 -2.69 -10.16 -20.28
C THR A 362 -1.62 -10.12 -21.37
N LEU A 363 -0.78 -9.09 -21.30
CA LEU A 363 0.37 -8.86 -22.17
C LEU A 363 1.63 -9.01 -21.31
N LEU A 364 2.34 -10.12 -21.51
CA LEU A 364 3.66 -10.26 -20.91
C LEU A 364 4.68 -9.50 -21.74
N MET A 365 5.50 -8.71 -21.06
CA MET A 365 6.45 -7.83 -21.71
C MET A 365 7.80 -7.98 -21.04
N PHE A 366 8.81 -8.36 -21.83
CA PHE A 366 10.10 -8.82 -21.33
C PHE A 366 11.22 -8.03 -22.01
N ARG A 367 12.01 -7.32 -21.22
CA ARG A 367 13.17 -6.60 -21.76
C ARG A 367 14.46 -7.34 -21.45
N ARG A 368 15.32 -7.44 -22.48
CA ARG A 368 16.67 -7.96 -22.36
C ARG A 368 17.67 -6.84 -22.58
N ILE A 369 18.61 -6.71 -21.66
CA ILE A 369 19.83 -5.94 -21.85
C ILE A 369 20.94 -6.92 -22.22
N GLY A 370 21.61 -6.65 -23.34
CA GLY A 370 22.58 -7.61 -23.83
C GLY A 370 23.95 -7.03 -24.14
N ASP A 371 24.03 -5.72 -24.32
CA ASP A 371 25.28 -5.05 -24.67
C ASP A 371 25.63 -4.06 -23.56
N LYS A 372 26.85 -4.19 -23.04
CA LYS A 372 27.33 -3.25 -22.03
C LYS A 372 27.56 -1.88 -22.67
N ASN A 373 27.43 -0.84 -21.85
CA ASN A 373 27.56 0.55 -22.27
C ASN A 373 26.53 0.96 -23.32
N GLN A 374 25.51 0.14 -23.53
CA GLN A 374 24.44 0.44 -24.46
C GLN A 374 23.10 0.28 -23.75
N LYS A 375 22.18 1.21 -24.00
CA LYS A 375 20.87 1.18 -23.35
C LYS A 375 19.76 1.41 -24.37
N LEU A 376 18.54 1.60 -23.87
CA LEU A 376 17.38 1.84 -24.71
C LEU A 376 16.70 3.13 -24.29
N GLU A 377 15.92 3.70 -25.20
CA GLU A 377 15.17 4.93 -24.95
C GLU A 377 13.71 4.56 -24.75
N LEU A 378 13.15 4.96 -23.60
CA LEU A 378 11.78 4.62 -23.24
C LEU A 378 11.06 5.87 -22.76
N ARG A 379 9.77 5.94 -23.04
CA ARG A 379 8.94 7.01 -22.48
C ARG A 379 8.47 6.67 -21.07
N HIS A 380 8.45 5.38 -20.71
CA HIS A 380 8.06 4.90 -19.39
C HIS A 380 6.57 5.10 -19.14
N GLN A 381 6.23 5.96 -18.18
CA GLN A 381 4.85 6.10 -17.73
C GLN A 381 4.03 6.80 -18.80
N ARG A 382 3.41 6.02 -19.68
CA ARG A 382 2.51 6.54 -20.70
C ARG A 382 1.08 6.11 -20.49
N THR A 383 0.83 4.80 -20.42
CA THR A 383 -0.51 4.27 -20.22
C THR A 383 -0.52 3.44 -18.95
N SER A 384 -1.53 3.68 -18.12
CA SER A 384 -1.60 3.03 -16.82
C SER A 384 -1.69 1.51 -16.97
N ASP A 385 -1.03 0.81 -16.06
CA ASP A 385 -1.11 -0.66 -16.05
C ASP A 385 -2.55 -1.13 -16.00
N VAL A 386 -3.40 -0.41 -15.26
CA VAL A 386 -4.83 -0.63 -15.35
C VAL A 386 -5.37 0.12 -16.56
N VAL A 387 -6.10 -0.60 -17.41
CA VAL A 387 -6.89 0.01 -18.47
C VAL A 387 -8.26 -0.66 -18.46
N PHE A 388 -9.19 -0.07 -19.20
CA PHE A 388 -10.59 -0.45 -19.11
C PHE A 388 -11.19 -0.51 -20.50
N GLU A 389 -11.91 -1.58 -20.79
CA GLU A 389 -12.64 -1.72 -22.04
C GLU A 389 -13.48 -2.99 -21.94
N VAL A 390 -14.54 -3.04 -22.75
CA VAL A 390 -15.39 -4.21 -22.81
C VAL A 390 -14.90 -5.13 -23.92
N THR A 391 -15.32 -6.39 -23.86
CA THR A 391 -14.94 -7.39 -24.85
C THR A 391 -16.04 -8.44 -24.92
N ASP A 392 -16.30 -8.92 -26.13
CA ASP A 392 -17.37 -9.90 -26.35
C ASP A 392 -17.06 -11.20 -25.60
N GLU A 393 -18.13 -11.82 -25.09
CA GLU A 393 -17.98 -13.08 -24.37
C GLU A 393 -17.69 -14.25 -25.30
N GLN A 394 -17.93 -14.09 -26.61
CA GLN A 394 -17.65 -15.17 -27.54
C GLN A 394 -16.16 -15.46 -27.63
N ASP A 395 -15.34 -14.41 -27.77
CA ASP A 395 -13.89 -14.54 -27.86
C ASP A 395 -13.24 -13.52 -26.93
N PRO A 396 -13.35 -13.72 -25.62
CA PRO A 396 -12.68 -12.79 -24.69
C PRO A 396 -11.18 -12.74 -24.86
N SER A 397 -10.56 -13.87 -25.21
CA SER A 397 -9.12 -13.87 -25.45
C SER A 397 -8.75 -12.99 -26.64
N LYS A 398 -9.55 -13.05 -27.70
CA LYS A 398 -9.30 -12.22 -28.87
C LYS A 398 -9.57 -10.76 -28.55
N VAL A 399 -8.80 -9.87 -29.18
CA VAL A 399 -8.96 -8.44 -29.03
C VAL A 399 -9.06 -7.83 -30.43
N ASP A 400 -10.16 -7.15 -30.70
CA ASP A 400 -10.41 -6.58 -32.02
C ASP A 400 -9.81 -5.18 -32.06
N THR A 401 -10.05 -4.46 -33.16
CA THR A 401 -9.51 -3.12 -33.32
C THR A 401 -10.17 -2.16 -32.32
N MET A 402 -9.59 -0.95 -32.22
CA MET A 402 -9.95 0.08 -31.27
C MET A 402 -9.50 -0.33 -29.87
N MET A 403 -9.04 -1.56 -29.75
CA MET A 403 -8.37 -2.09 -28.57
C MET A 403 -6.99 -2.61 -28.90
N LYS A 404 -6.90 -3.48 -29.90
CA LYS A 404 -5.63 -3.74 -30.56
C LYS A 404 -4.99 -2.43 -31.00
N GLU A 405 -5.81 -1.50 -31.50
CA GLU A 405 -5.31 -0.18 -31.83
C GLU A 405 -4.80 0.56 -30.60
N TYR A 406 -5.48 0.37 -29.45
CA TYR A 406 -5.01 0.99 -28.23
C TYR A 406 -3.64 0.48 -27.83
N VAL A 407 -3.45 -0.84 -27.95
CA VAL A 407 -2.15 -1.44 -27.66
C VAL A 407 -1.10 -0.94 -28.64
N TYR A 408 -1.48 -0.85 -29.92
CA TYR A 408 -0.56 -0.35 -30.93
C TYR A 408 -0.13 1.08 -30.62
N GLN A 409 -1.07 1.92 -30.21
CA GLN A 409 -0.75 3.29 -29.86
C GLN A 409 0.17 3.35 -28.65
N MET A 410 -0.12 2.55 -27.62
CA MET A 410 0.72 2.59 -26.44
C MET A 410 2.14 2.11 -26.75
N ILE A 411 2.27 1.06 -27.57
CA ILE A 411 3.61 0.59 -27.91
C ILE A 411 4.33 1.59 -28.80
N GLU A 412 3.60 2.26 -29.70
CA GLU A 412 4.22 3.30 -30.51
C GLU A 412 4.71 4.45 -29.63
N THR A 413 4.00 4.74 -28.54
CA THR A 413 4.44 5.80 -27.64
C THR A 413 5.62 5.38 -26.78
N LEU A 414 5.60 4.15 -26.27
CA LEU A 414 6.69 3.67 -25.41
C LEU A 414 8.02 3.64 -26.15
N LEU A 415 8.01 3.19 -27.41
CA LEU A 415 9.23 3.06 -28.20
C LEU A 415 9.07 3.87 -29.48
N PRO A 416 9.25 5.19 -29.40
CA PRO A 416 9.14 6.02 -30.61
C PRO A 416 10.37 5.91 -31.49
N LYS A 417 11.55 5.80 -30.86
CA LYS A 417 12.80 5.78 -31.61
C LYS A 417 12.93 4.52 -32.47
N ALA A 418 12.25 3.43 -32.09
CA ALA A 418 12.29 2.22 -32.90
C ALA A 418 11.66 2.42 -34.28
N GLN A 419 10.75 3.38 -34.42
CA GLN A 419 10.14 3.64 -35.71
C GLN A 419 11.11 4.38 -36.62
N PHE A 420 10.80 4.39 -37.91
CA PHE A 420 11.63 5.06 -38.90
C PHE A 420 10.78 5.35 -40.13
N ILE A 421 10.59 6.63 -40.43
CA ILE A 421 9.85 7.05 -41.62
C ILE A 421 10.69 6.69 -42.85
N PRO A 422 10.10 6.55 -44.03
CA PRO A 422 10.90 6.08 -45.18
C PRO A 422 12.08 6.96 -45.51
N GLY A 423 11.97 8.28 -45.32
CA GLY A 423 13.07 9.16 -45.66
C GLY A 423 14.30 8.96 -44.78
N VAL A 424 14.10 8.85 -43.47
CA VAL A 424 15.23 8.79 -42.54
C VAL A 424 15.96 7.46 -42.67
N ASP A 425 15.22 6.35 -42.68
CA ASP A 425 15.82 5.04 -42.87
C ASP A 425 14.85 4.15 -43.65
N LYS A 426 15.40 3.08 -44.23
CA LYS A 426 14.63 2.04 -44.90
C LYS A 426 14.44 0.81 -44.02
N HIS A 427 15.51 0.37 -43.34
CA HIS A 427 15.39 -0.73 -42.40
C HIS A 427 14.65 -0.29 -41.15
N LEU A 428 13.70 -1.11 -40.70
CA LEU A 428 12.88 -0.77 -39.54
C LEU A 428 13.46 -1.42 -38.30
N LYS A 429 13.45 -0.68 -37.18
CA LYS A 429 14.07 -1.12 -35.95
C LYS A 429 13.08 -1.77 -34.98
N MET A 430 11.98 -2.33 -35.50
CA MET A 430 10.97 -2.96 -34.66
C MET A 430 10.08 -3.83 -35.55
N MET A 431 9.86 -5.07 -35.13
CA MET A 431 9.18 -6.05 -35.97
C MET A 431 8.04 -6.70 -35.19
N GLU A 432 7.23 -7.46 -35.91
CA GLU A 432 5.95 -7.93 -35.42
C GLU A 432 5.68 -9.32 -36.00
N LEU A 433 4.91 -10.12 -35.26
CA LEU A 433 4.48 -11.43 -35.72
C LEU A 433 2.98 -11.62 -35.48
N PHE A 434 2.33 -12.32 -36.42
CA PHE A 434 0.93 -12.75 -36.28
C PHE A 434 -0.04 -11.57 -36.31
N ALA A 435 0.22 -10.58 -37.17
CA ALA A 435 -0.69 -9.44 -37.29
C ALA A 435 -1.90 -9.85 -38.12
N SER A 436 -2.73 -8.87 -38.48
CA SER A 436 -3.86 -9.12 -39.36
C SER A 436 -3.39 -9.32 -40.79
N THR A 437 -4.23 -9.98 -41.58
CA THR A 437 -3.91 -10.28 -42.97
C THR A 437 -3.97 -9.05 -43.87
N ASP A 438 -4.48 -7.92 -43.38
CA ASP A 438 -4.60 -6.71 -44.18
C ASP A 438 -3.89 -5.51 -43.59
N ASN A 439 -3.50 -5.56 -42.31
CA ASN A 439 -2.85 -4.43 -41.66
C ASN A 439 -1.35 -4.59 -41.74
N TYR A 440 -0.66 -3.56 -42.22
CA TYR A 440 0.79 -3.51 -42.30
C TYR A 440 1.19 -2.19 -41.66
N ARG A 441 1.34 -2.20 -40.34
CA ARG A 441 1.57 -0.97 -39.61
C ARG A 441 2.94 -0.38 -39.95
N PRO A 442 3.02 0.94 -40.15
CA PRO A 442 4.32 1.58 -40.39
C PRO A 442 5.27 1.38 -39.22
N GLY A 443 6.55 1.24 -39.54
CA GLY A 443 7.56 1.02 -38.51
C GLY A 443 7.75 -0.44 -38.18
N TRP A 444 6.66 -1.21 -38.19
CA TRP A 444 6.73 -2.62 -37.88
C TRP A 444 7.21 -3.41 -39.09
N ILE A 445 8.09 -4.38 -38.86
CA ILE A 445 8.42 -5.40 -39.85
C ILE A 445 7.43 -6.53 -39.62
N SER A 446 6.33 -6.52 -40.37
CA SER A 446 5.26 -7.49 -40.15
C SER A 446 5.69 -8.87 -40.60
N VAL A 447 5.35 -9.88 -39.82
CA VAL A 447 5.57 -11.28 -40.17
C VAL A 447 4.26 -12.01 -39.88
N ILE A 448 3.43 -12.17 -40.90
CA ILE A 448 2.14 -12.84 -40.75
C ILE A 448 2.30 -14.30 -41.17
N GLU A 449 1.88 -15.21 -40.32
CA GLU A 449 1.91 -16.64 -40.65
C GLU A 449 0.68 -16.97 -41.49
N LYS A 450 0.90 -17.39 -42.73
CA LYS A 450 -0.19 -17.68 -43.64
C LYS A 450 -0.86 -19.01 -43.29
N TYR B 128 13.68 28.05 19.79
CA TYR B 128 12.38 28.66 20.06
C TYR B 128 11.54 27.79 20.98
N LEU B 129 11.17 28.36 22.13
CA LEU B 129 10.33 27.63 23.07
C LEU B 129 8.89 27.60 22.56
N ASP B 130 8.28 26.41 22.57
CA ASP B 130 6.91 26.28 22.08
C ASP B 130 5.92 26.95 23.02
N ARG B 131 6.16 26.85 24.33
CA ARG B 131 5.24 27.42 25.30
C ARG B 131 5.43 28.94 25.40
N LEU B 132 4.49 29.59 26.08
CA LEU B 132 4.57 31.02 26.28
C LEU B 132 5.77 31.36 27.16
N PRO B 133 6.53 32.42 26.80
CA PRO B 133 7.74 32.74 27.58
C PRO B 133 7.45 33.07 29.03
N LYS B 134 6.64 34.10 29.28
CA LYS B 134 6.30 34.52 30.63
C LYS B 134 4.88 35.05 30.65
N SER B 135 4.02 34.45 31.47
CA SER B 135 2.66 34.94 31.64
C SER B 135 2.21 34.99 33.09
N LYS B 136 2.96 34.42 34.02
CA LYS B 136 2.68 34.44 35.46
C LYS B 136 1.29 33.84 35.69
N LYS B 137 0.55 34.33 36.69
CA LYS B 137 -0.76 33.74 37.00
C LYS B 137 -1.74 33.87 35.84
N GLY B 138 -1.48 34.82 34.92
CA GLY B 138 -2.31 34.93 33.73
C GLY B 138 -2.36 33.64 32.93
N LEU B 139 -1.29 32.84 32.98
CA LEU B 139 -1.33 31.53 32.36
C LEU B 139 -1.86 30.47 33.33
N GLN B 140 -1.66 30.67 34.63
CA GLN B 140 -2.13 29.69 35.62
C GLN B 140 -3.65 29.49 35.52
N GLY B 141 -4.39 30.56 35.24
CA GLY B 141 -5.82 30.41 35.00
C GLY B 141 -6.10 29.46 33.87
N LEU B 142 -5.39 29.64 32.75
CA LEU B 142 -5.48 28.67 31.66
C LEU B 142 -5.10 27.29 32.15
N LEU B 143 -4.07 27.21 33.00
CA LEU B 143 -3.69 25.95 33.62
C LEU B 143 -4.92 25.29 34.25
N GLN B 144 -5.69 26.06 35.01
CA GLN B 144 -6.90 25.52 35.62
C GLN B 144 -7.78 24.86 34.57
N ASP B 145 -8.07 25.59 33.48
CA ASP B 145 -8.81 25.01 32.38
C ASP B 145 -8.21 23.67 31.99
N ILE B 146 -6.92 23.68 31.67
CA ILE B 146 -6.28 22.47 31.19
C ILE B 146 -6.46 21.35 32.22
N GLU B 147 -6.27 21.67 33.51
CA GLU B 147 -6.28 20.58 34.48
C GLU B 147 -7.66 19.97 34.61
N LYS B 148 -8.73 20.77 34.49
CA LYS B 148 -10.04 20.14 34.52
C LYS B 148 -10.22 19.28 33.29
N ARG B 149 -9.73 19.76 32.13
CA ARG B 149 -9.67 18.90 30.97
C ARG B 149 -8.98 17.59 31.32
N ILE B 150 -7.86 17.70 32.04
CA ILE B 150 -7.14 16.46 32.47
C ILE B 150 -8.13 15.54 33.17
N LEU B 151 -8.80 16.00 34.23
CA LEU B 151 -9.65 15.09 34.97
C LEU B 151 -10.69 14.49 34.05
N HIS B 152 -11.22 15.29 33.12
CA HIS B 152 -12.23 14.82 32.20
C HIS B 152 -11.77 13.54 31.51
N TYR B 153 -10.57 13.56 30.93
CA TYR B 153 -10.11 12.38 30.23
C TYR B 153 -10.17 11.16 31.14
N LYS B 154 -9.57 11.25 32.33
CA LYS B 154 -9.52 10.04 33.15
C LYS B 154 -10.90 9.58 33.54
N GLN B 155 -11.84 10.51 33.79
CA GLN B 155 -13.16 10.03 34.18
C GLN B 155 -13.81 9.32 33.00
N LEU B 156 -13.65 9.85 31.78
CA LEU B 156 -14.06 9.10 30.61
C LEU B 156 -13.44 7.72 30.62
N PHE B 157 -12.13 7.66 30.88
CA PHE B 157 -11.42 6.39 30.93
C PHE B 157 -12.13 5.42 31.87
N PHE B 158 -12.52 5.91 33.06
CA PHE B 158 -13.16 5.03 34.02
C PHE B 158 -14.41 4.40 33.42
N LYS B 159 -15.23 5.23 32.77
CA LYS B 159 -16.41 4.70 32.08
C LYS B 159 -16.00 3.61 31.11
N GLU B 160 -15.00 3.88 30.27
CA GLU B 160 -14.54 2.90 29.31
C GLU B 160 -14.13 1.61 30.02
N GLN B 161 -13.44 1.73 31.15
CA GLN B 161 -13.05 0.55 31.91
C GLN B 161 -14.28 -0.26 32.32
N ASN B 162 -15.28 0.43 32.88
CA ASN B 162 -16.50 -0.27 33.27
C ASN B 162 -17.16 -0.90 32.06
N GLU B 163 -16.97 -0.30 30.87
CA GLU B 163 -17.56 -0.85 29.67
C GLU B 163 -16.84 -2.10 29.19
N ILE B 164 -15.56 -2.24 29.48
CA ILE B 164 -14.84 -3.41 28.97
C ILE B 164 -14.85 -4.55 29.98
N ALA B 165 -14.74 -4.25 31.27
CA ALA B 165 -14.76 -5.30 32.29
C ALA B 165 -16.19 -5.63 32.74
N ASN B 166 -17.06 -5.91 31.77
CA ASN B 166 -18.41 -6.34 32.07
C ASN B 166 -18.90 -7.48 31.18
N GLY B 167 -18.09 -7.95 30.24
CA GLY B 167 -18.53 -8.91 29.25
C GLY B 167 -18.79 -8.34 27.89
N LYS B 168 -18.18 -7.21 27.54
CA LYS B 168 -18.40 -6.59 26.25
C LYS B 168 -17.66 -7.34 25.15
N ARG B 169 -18.30 -7.46 23.99
CA ARG B 169 -17.77 -8.21 22.86
C ARG B 169 -17.08 -7.25 21.90
N SER B 170 -15.86 -7.59 21.51
CA SER B 170 -15.06 -6.75 20.64
C SER B 170 -15.39 -7.06 19.18
N MET B 171 -14.60 -6.51 18.26
CA MET B 171 -14.87 -6.67 16.83
C MET B 171 -14.49 -8.06 16.32
N VAL B 172 -13.46 -8.68 16.89
CA VAL B 172 -13.04 -10.00 16.40
C VAL B 172 -14.13 -11.03 16.67
N PRO B 173 -14.58 -11.76 15.65
CA PRO B 173 -15.69 -12.70 15.87
C PRO B 173 -15.20 -14.04 16.43
N ASP B 174 -16.14 -14.96 16.65
CA ASP B 174 -15.79 -16.27 17.19
C ASP B 174 -15.02 -17.08 16.15
N ASN B 175 -14.38 -18.14 16.62
CA ASN B 175 -13.59 -19.05 15.79
C ASN B 175 -12.40 -18.37 15.13
N SER B 176 -11.85 -17.35 15.77
CA SER B 176 -10.61 -16.72 15.32
C SER B 176 -9.48 -17.18 16.24
N ILE B 177 -8.40 -17.66 15.64
CA ILE B 177 -7.33 -18.30 16.40
C ILE B 177 -6.03 -17.58 16.06
N PRO B 178 -5.77 -16.44 16.67
CA PRO B 178 -4.60 -15.64 16.29
C PRO B 178 -3.30 -16.09 16.93
N ILE B 179 -2.63 -17.07 16.33
CA ILE B 179 -1.31 -17.47 16.82
C ILE B 179 -0.35 -16.30 16.58
N CYS B 180 0.06 -15.64 17.67
CA CYS B 180 1.01 -14.53 17.61
C CYS B 180 2.38 -15.07 17.94
N SER B 181 3.17 -15.34 16.90
CA SER B 181 4.53 -15.83 17.07
C SER B 181 5.29 -15.65 15.77
N ASP B 182 6.62 -15.58 15.88
CA ASP B 182 7.46 -15.53 14.69
C ASP B 182 7.30 -16.82 13.89
N VAL B 183 7.18 -16.68 12.58
CA VAL B 183 6.96 -17.86 11.73
C VAL B 183 8.17 -18.79 11.79
N THR B 184 9.37 -18.21 11.88
CA THR B 184 10.57 -19.04 12.02
C THR B 184 10.61 -19.71 13.39
N LYS B 185 10.21 -18.98 14.44
CA LYS B 185 10.23 -19.55 15.79
C LYS B 185 9.17 -20.62 15.95
N LEU B 186 8.02 -20.46 15.29
CA LEU B 186 6.90 -21.36 15.49
C LEU B 186 7.21 -22.73 14.91
N ASN B 187 6.83 -23.77 15.65
CA ASN B 187 6.99 -25.15 15.23
C ASN B 187 5.67 -25.64 14.64
N PHE B 188 5.63 -25.73 13.30
CA PHE B 188 4.42 -26.16 12.62
C PHE B 188 4.06 -27.61 12.93
N GLN B 189 5.00 -28.38 13.48
CA GLN B 189 4.72 -29.76 13.85
C GLN B 189 3.64 -29.83 14.93
N ALA B 190 3.74 -28.96 15.94
CA ALA B 190 2.69 -28.91 16.95
C ALA B 190 1.36 -28.51 16.32
N LEU B 191 1.40 -27.60 15.35
CA LEU B 191 0.18 -27.16 14.69
C LEU B 191 -0.49 -28.33 13.96
N ILE B 192 0.28 -29.09 13.19
CA ILE B 192 -0.31 -30.21 12.46
C ILE B 192 -0.75 -31.31 13.43
N ASP B 193 -0.03 -31.48 14.54
CA ASP B 193 -0.46 -32.44 15.55
C ASP B 193 -1.81 -32.07 16.12
N ALA B 194 -2.00 -30.78 16.44
CA ALA B 194 -3.31 -30.33 16.90
C ALA B 194 -4.36 -30.49 15.82
N GLN B 195 -4.00 -30.19 14.57
CA GLN B 195 -4.91 -30.36 13.44
C GLN B 195 -5.42 -31.79 13.35
N MET B 196 -4.52 -32.76 13.43
CA MET B 196 -4.92 -34.16 13.37
C MET B 196 -5.72 -34.55 14.60
N ARG B 197 -5.30 -34.09 15.78
CA ARG B 197 -5.94 -34.50 17.03
C ARG B 197 -7.38 -34.03 17.08
N HIS B 198 -7.64 -32.78 16.68
CA HIS B 198 -8.98 -32.23 16.83
C HIS B 198 -9.85 -32.42 15.59
N ALA B 199 -9.34 -32.08 14.41
CA ALA B 199 -10.13 -32.13 13.19
C ALA B 199 -9.88 -33.37 12.35
N GLY B 200 -8.63 -33.78 12.19
CA GLY B 200 -8.28 -34.93 11.40
C GLY B 200 -7.94 -34.63 9.96
N LYS B 201 -8.33 -33.47 9.45
CA LYS B 201 -7.95 -33.01 8.12
C LYS B 201 -7.00 -31.83 8.26
N MET B 202 -5.92 -31.86 7.48
CA MET B 202 -4.94 -30.80 7.55
C MET B 202 -5.43 -29.66 6.65
N PHE B 203 -4.60 -28.66 6.40
CA PHE B 203 -5.08 -27.36 5.91
C PHE B 203 -5.79 -27.48 4.56
N ASP B 204 -6.65 -26.51 4.30
CA ASP B 204 -7.45 -26.46 3.07
C ASP B 204 -7.13 -25.25 2.20
N VAL B 205 -7.16 -24.04 2.75
CA VAL B 205 -6.85 -22.82 2.01
C VAL B 205 -5.77 -22.07 2.77
N ILE B 206 -4.73 -21.65 2.05
CA ILE B 206 -3.60 -20.96 2.66
C ILE B 206 -3.38 -19.65 1.92
N MET B 207 -2.86 -18.64 2.62
CA MET B 207 -2.49 -17.36 2.05
C MET B 207 -1.25 -16.84 2.74
N MET B 208 -0.51 -15.97 2.04
CA MET B 208 0.57 -15.21 2.65
C MET B 208 0.89 -14.03 1.75
N ASP B 209 1.13 -12.87 2.37
CA ASP B 209 1.60 -11.69 1.66
C ASP B 209 2.87 -11.20 2.36
N PRO B 210 3.95 -11.96 2.27
CA PRO B 210 5.14 -11.68 3.08
C PRO B 210 5.74 -10.34 2.69
N PRO B 211 6.46 -9.70 3.61
CA PRO B 211 7.23 -8.50 3.25
C PRO B 211 8.25 -8.82 2.17
N TRP B 212 8.09 -8.20 1.02
CA TRP B 212 8.95 -8.47 -0.12
C TRP B 212 10.20 -7.61 -0.06
N GLN B 213 10.99 -7.63 -1.13
CA GLN B 213 12.25 -6.89 -1.20
C GLN B 213 12.06 -5.66 -2.09
N LEU B 214 12.59 -4.52 -1.64
CA LEU B 214 12.44 -3.27 -2.37
C LEU B 214 13.74 -2.74 -2.96
N SER B 215 14.89 -3.05 -2.33
CA SER B 215 16.20 -2.58 -2.78
C SER B 215 16.23 -1.05 -2.88
N SER B 216 15.95 -0.41 -1.75
CA SER B 216 15.91 1.05 -1.64
C SER B 216 14.93 1.66 -2.64
N TYR B 227 12.74 -5.83 8.68
CA TYR B 227 13.62 -7.01 8.82
C TYR B 227 14.19 -7.38 7.46
N ASP B 228 15.36 -8.01 7.44
CA ASP B 228 16.03 -8.39 6.16
C ASP B 228 16.08 -9.91 6.03
N SER B 229 15.44 -10.63 6.96
CA SER B 229 15.49 -12.12 6.95
C SER B 229 14.28 -12.68 6.17
N LEU B 230 13.54 -11.83 5.46
CA LEU B 230 12.39 -12.29 4.64
C LEU B 230 12.88 -12.57 3.22
N SER B 231 14.20 -12.75 3.05
CA SER B 231 14.77 -13.05 1.71
C SER B 231 13.86 -14.06 1.00
N ASP B 232 13.51 -13.83 -0.26
CA ASP B 232 12.59 -14.77 -0.87
C ASP B 232 12.98 -16.21 -0.57
N GLU B 233 14.29 -16.49 -0.53
CA GLU B 233 14.74 -17.83 -0.19
C GLU B 233 14.34 -18.19 1.24
N LYS B 234 14.43 -17.24 2.17
CA LYS B 234 13.98 -17.50 3.53
C LYS B 234 12.49 -17.83 3.57
N ILE B 235 11.71 -17.18 2.72
CA ILE B 235 10.30 -17.50 2.61
C ILE B 235 10.11 -18.90 2.03
N GLN B 236 11.00 -19.29 1.11
CA GLN B 236 10.89 -20.59 0.45
C GLN B 236 11.15 -21.75 1.42
N ASN B 237 12.25 -21.68 2.18
CA ASN B 237 12.68 -22.83 2.95
C ASN B 237 11.72 -23.23 4.05
N MET B 238 10.79 -22.35 4.42
CA MET B 238 9.78 -22.72 5.40
C MET B 238 8.92 -23.84 4.83
N PRO B 239 8.64 -24.90 5.61
CA PRO B 239 7.93 -26.07 5.03
C PRO B 239 6.42 -25.89 5.00
N ILE B 240 5.95 -25.00 4.12
CA ILE B 240 4.52 -24.90 3.86
C ILE B 240 4.01 -26.17 3.19
N GLN B 241 4.87 -26.84 2.41
CA GLN B 241 4.48 -28.11 1.81
C GLN B 241 4.14 -29.15 2.87
N SER B 242 4.76 -29.06 4.04
CA SER B 242 4.36 -29.92 5.15
C SER B 242 3.00 -29.53 5.68
N LEU B 243 2.67 -28.24 5.68
CA LEU B 243 1.40 -27.75 6.20
C LEU B 243 0.23 -28.02 5.28
N GLN B 244 0.47 -28.42 4.03
CA GLN B 244 -0.61 -28.57 3.06
C GLN B 244 -0.41 -29.82 2.23
N GLN B 245 -1.47 -30.60 2.07
CA GLN B 245 -1.42 -31.78 1.20
C GLN B 245 -2.59 -31.77 0.23
N ASP B 246 -3.72 -31.18 0.64
CA ASP B 246 -4.93 -31.15 -0.18
C ASP B 246 -5.57 -29.77 -0.02
N GLY B 247 -5.34 -28.90 -0.99
CA GLY B 247 -5.98 -27.60 -0.99
C GLY B 247 -5.21 -26.59 -1.81
N PHE B 248 -5.79 -25.40 -1.89
CA PHE B 248 -5.32 -24.31 -2.72
C PHE B 248 -4.18 -23.54 -2.04
N ILE B 249 -3.84 -22.39 -2.62
CA ILE B 249 -3.00 -21.39 -1.97
C ILE B 249 -3.26 -20.06 -2.67
N PHE B 250 -3.03 -18.96 -1.95
CA PHE B 250 -3.08 -17.63 -2.51
C PHE B 250 -1.85 -16.88 -2.04
N VAL B 251 -1.19 -16.16 -2.94
CA VAL B 251 -0.03 -15.34 -2.59
C VAL B 251 -0.14 -14.02 -3.33
N TRP B 252 -0.47 -12.96 -2.61
CA TRP B 252 -0.42 -11.63 -3.19
C TRP B 252 1.02 -11.12 -3.22
N ALA B 253 1.37 -10.45 -4.32
CA ALA B 253 2.69 -9.86 -4.47
C ALA B 253 2.61 -8.77 -5.53
N ILE B 254 3.56 -7.85 -5.48
CA ILE B 254 3.65 -6.80 -6.49
C ILE B 254 4.29 -7.34 -7.75
N ASN B 255 4.05 -6.65 -8.87
CA ASN B 255 4.62 -7.09 -10.14
C ASN B 255 6.13 -7.07 -10.12
N ALA B 256 6.75 -6.16 -9.35
CA ALA B 256 8.19 -6.12 -9.23
C ALA B 256 8.77 -7.41 -8.65
N LYS B 257 7.93 -8.22 -8.00
CA LYS B 257 8.31 -9.56 -7.56
C LYS B 257 7.33 -10.60 -8.06
N TYR B 258 6.72 -10.35 -9.22
CA TYR B 258 5.78 -11.32 -9.80
C TYR B 258 6.49 -12.63 -10.14
N ARG B 259 7.58 -12.55 -10.90
CA ARG B 259 8.22 -13.76 -11.41
C ARG B 259 8.73 -14.63 -10.28
N VAL B 260 9.37 -14.03 -9.26
CA VAL B 260 9.87 -14.81 -8.15
C VAL B 260 8.72 -15.48 -7.40
N THR B 261 7.52 -14.89 -7.47
CA THR B 261 6.35 -15.53 -6.88
C THR B 261 6.01 -16.83 -7.62
N ILE B 262 6.13 -16.83 -8.94
CA ILE B 262 5.83 -18.03 -9.72
C ILE B 262 6.77 -19.16 -9.31
N LYS B 263 8.07 -18.89 -9.29
CA LYS B 263 9.01 -19.88 -8.79
C LYS B 263 8.77 -20.19 -7.32
N MET B 264 8.16 -19.25 -6.60
CA MET B 264 7.77 -19.50 -5.21
C MET B 264 6.69 -20.56 -5.12
N ILE B 265 5.81 -20.64 -6.11
CA ILE B 265 4.66 -21.53 -6.00
C ILE B 265 4.87 -22.83 -6.73
N GLU B 266 5.61 -22.83 -7.85
CA GLU B 266 5.87 -24.06 -8.57
C GLU B 266 6.94 -24.91 -7.90
N ASN B 267 7.75 -24.32 -7.02
CA ASN B 267 8.80 -25.07 -6.34
C ASN B 267 8.22 -26.21 -5.52
N TRP B 268 7.12 -25.96 -4.83
CA TRP B 268 6.44 -27.00 -4.06
C TRP B 268 5.58 -27.84 -4.99
N GLY B 269 4.78 -28.74 -4.42
CA GLY B 269 3.84 -29.51 -5.23
C GLY B 269 2.75 -28.67 -5.86
N TYR B 270 2.68 -27.39 -5.50
CA TYR B 270 1.71 -26.48 -6.08
C TYR B 270 1.99 -26.28 -7.56
N LYS B 271 0.93 -26.18 -8.36
CA LYS B 271 1.02 -25.77 -9.75
C LYS B 271 0.26 -24.45 -9.91
N LEU B 272 0.95 -23.43 -10.41
CA LEU B 272 0.30 -22.15 -10.66
C LEU B 272 -0.78 -22.31 -11.71
N VAL B 273 -2.03 -22.01 -11.33
CA VAL B 273 -3.18 -22.23 -12.19
C VAL B 273 -3.91 -20.94 -12.53
N ASP B 274 -4.06 -20.03 -11.58
CA ASP B 274 -4.88 -18.84 -11.78
C ASP B 274 -4.34 -17.70 -10.95
N GLU B 275 -4.95 -16.53 -11.11
CA GLU B 275 -4.54 -15.35 -10.39
C GLU B 275 -5.77 -14.50 -10.06
N ILE B 276 -5.74 -13.89 -8.89
CA ILE B 276 -6.74 -12.94 -8.43
C ILE B 276 -6.07 -11.59 -8.33
N THR B 277 -6.64 -10.59 -8.99
CA THR B 277 -6.04 -9.27 -9.05
C THR B 277 -6.98 -8.23 -8.48
N TRP B 278 -6.40 -7.25 -7.79
CA TRP B 278 -7.15 -6.19 -7.12
C TRP B 278 -6.72 -4.86 -7.73
N VAL B 279 -7.69 -4.11 -8.24
CA VAL B 279 -7.47 -2.80 -8.84
C VAL B 279 -7.73 -1.73 -7.80
N LYS B 280 -6.72 -0.89 -7.55
CA LYS B 280 -6.87 0.15 -6.55
C LYS B 280 -7.92 1.16 -6.98
N LYS B 281 -8.55 1.80 -6.00
CA LYS B 281 -9.58 2.79 -6.24
C LYS B 281 -9.30 4.00 -5.36
N THR B 282 -9.68 5.18 -5.86
CA THR B 282 -9.56 6.40 -5.10
C THR B 282 -10.87 6.66 -4.35
N VAL B 283 -10.96 7.81 -3.68
CA VAL B 283 -12.17 8.12 -2.92
C VAL B 283 -13.36 8.36 -3.85
N ASN B 284 -13.13 8.93 -5.03
CA ASN B 284 -14.22 9.26 -5.94
C ASN B 284 -14.57 8.13 -6.88
N GLY B 285 -13.60 7.28 -7.24
CA GLY B 285 -13.83 6.24 -8.22
C GLY B 285 -12.81 6.32 -9.34
N LYS B 286 -11.73 7.07 -9.11
CA LYS B 286 -10.66 7.21 -10.08
C LYS B 286 -9.69 6.03 -9.92
N ILE B 287 -8.53 6.13 -10.57
CA ILE B 287 -7.49 5.12 -10.49
C ILE B 287 -6.28 5.75 -9.81
N ALA B 288 -5.74 5.06 -8.81
CA ALA B 288 -4.61 5.60 -8.05
C ALA B 288 -3.40 5.79 -8.96
N LYS B 289 -2.73 6.93 -8.79
CA LYS B 289 -1.53 7.25 -9.58
C LYS B 289 -0.31 6.62 -8.92
N GLY B 290 -0.26 5.29 -9.00
CA GLY B 290 0.87 4.58 -8.43
C GLY B 290 2.15 4.88 -9.19
N HIS B 291 3.27 4.74 -8.47
CA HIS B 291 4.57 5.03 -9.07
C HIS B 291 4.81 4.15 -10.28
N GLY B 292 5.35 4.75 -11.34
CA GLY B 292 5.62 4.02 -12.56
C GLY B 292 7.11 3.82 -12.81
N PHE B 293 7.55 2.57 -12.85
CA PHE B 293 8.92 2.25 -13.24
C PHE B 293 9.01 2.13 -14.75
N TYR B 294 8.24 1.22 -15.32
CA TYR B 294 8.13 1.04 -16.76
C TYR B 294 6.73 1.31 -17.27
N LEU B 295 5.71 1.03 -16.46
CA LEU B 295 4.34 1.45 -16.68
C LEU B 295 3.78 1.94 -15.35
N GLN B 296 2.72 2.75 -15.44
CA GLN B 296 2.12 3.30 -14.24
C GLN B 296 1.44 2.18 -13.45
N HIS B 297 2.06 1.77 -12.35
CA HIS B 297 1.55 0.65 -11.55
C HIS B 297 0.23 1.05 -10.90
N ALA B 298 -0.84 0.32 -11.22
CA ALA B 298 -2.13 0.67 -10.66
C ALA B 298 -2.95 -0.56 -10.26
N LYS B 299 -2.36 -1.75 -10.21
CA LYS B 299 -3.07 -2.94 -9.78
C LYS B 299 -2.12 -3.83 -9.01
N GLU B 300 -2.70 -4.77 -8.27
CA GLU B 300 -1.96 -5.69 -7.42
C GLU B 300 -2.40 -7.11 -7.75
N SER B 301 -1.46 -8.06 -7.70
CA SER B 301 -1.69 -9.40 -8.21
C SER B 301 -1.53 -10.44 -7.12
N CYS B 302 -2.20 -11.58 -7.30
CA CYS B 302 -2.10 -12.71 -6.38
C CYS B 302 -2.18 -14.00 -7.18
N LEU B 303 -1.34 -14.96 -6.83
CA LEU B 303 -1.21 -16.23 -7.55
C LEU B 303 -1.89 -17.36 -6.78
N ILE B 304 -2.32 -18.38 -7.51
CA ILE B 304 -3.07 -19.51 -6.98
C ILE B 304 -2.38 -20.79 -7.40
N GLY B 305 -2.35 -21.78 -6.50
CA GLY B 305 -1.70 -23.04 -6.79
C GLY B 305 -2.53 -24.22 -6.33
N VAL B 306 -2.04 -25.42 -6.68
CA VAL B 306 -2.76 -26.67 -6.43
C VAL B 306 -1.75 -27.79 -6.22
N LYS B 307 -1.89 -28.52 -5.11
CA LYS B 307 -1.19 -29.78 -4.94
C LYS B 307 -2.20 -30.84 -4.48
N GLY B 308 -1.78 -32.09 -4.57
CA GLY B 308 -2.64 -33.18 -4.14
C GLY B 308 -3.95 -33.16 -4.89
N ASP B 309 -5.04 -33.30 -4.16
CA ASP B 309 -6.38 -33.21 -4.72
C ASP B 309 -7.08 -31.99 -4.13
N VAL B 310 -7.63 -31.13 -5.01
CA VAL B 310 -8.41 -29.98 -4.57
C VAL B 310 -9.90 -30.23 -4.69
N ASP B 311 -10.31 -31.41 -5.16
CA ASP B 311 -11.72 -31.79 -5.19
C ASP B 311 -12.03 -32.65 -3.95
N ASN B 312 -11.94 -32.00 -2.79
CA ASN B 312 -12.22 -32.64 -1.52
C ASN B 312 -13.67 -32.47 -1.08
N GLY B 313 -14.57 -32.20 -2.02
CA GLY B 313 -15.98 -31.98 -1.69
C GLY B 313 -16.31 -30.62 -1.12
N ARG B 314 -15.57 -30.19 -0.10
CA ARG B 314 -15.78 -28.89 0.51
C ARG B 314 -15.30 -27.74 -0.36
N PHE B 315 -14.59 -28.01 -1.45
CA PHE B 315 -14.15 -26.98 -2.37
C PHE B 315 -15.22 -26.68 -3.41
N LYS B 316 -15.32 -25.42 -3.80
CA LYS B 316 -16.23 -24.97 -4.84
C LYS B 316 -15.44 -24.34 -5.98
N LYS B 317 -15.83 -24.66 -7.21
CA LYS B 317 -15.15 -24.16 -8.39
C LYS B 317 -15.91 -22.99 -9.00
N ASN B 318 -15.19 -22.20 -9.79
CA ASN B 318 -15.71 -20.99 -10.44
C ASN B 318 -16.65 -20.22 -9.53
N ILE B 319 -16.14 -19.88 -8.34
CA ILE B 319 -16.95 -19.24 -7.32
C ILE B 319 -17.46 -17.89 -7.79
N ALA B 320 -16.57 -17.05 -8.34
CA ALA B 320 -16.91 -15.72 -8.83
C ALA B 320 -15.67 -15.19 -9.55
N SER B 321 -15.74 -13.94 -9.99
CA SER B 321 -14.64 -13.35 -10.75
C SER B 321 -13.37 -13.27 -9.91
N ASP B 322 -12.23 -13.34 -10.59
CA ASP B 322 -10.92 -13.26 -9.93
C ASP B 322 -10.38 -11.84 -9.90
N VAL B 323 -11.26 -10.84 -9.85
CA VAL B 323 -10.86 -9.44 -9.77
C VAL B 323 -11.61 -8.78 -8.63
N ILE B 324 -10.95 -7.84 -7.96
CA ILE B 324 -11.51 -7.13 -6.82
C ILE B 324 -11.24 -5.65 -7.02
N PHE B 325 -12.30 -4.84 -7.08
CA PHE B 325 -12.18 -3.40 -7.27
C PHE B 325 -12.62 -2.73 -5.98
N SER B 326 -11.65 -2.16 -5.25
CA SER B 326 -11.93 -1.55 -3.95
C SER B 326 -10.90 -0.46 -3.68
N GLU B 327 -11.23 0.40 -2.72
CA GLU B 327 -10.43 1.58 -2.44
C GLU B 327 -9.05 1.21 -1.92
N ARG B 328 -8.15 2.19 -2.00
CA ARG B 328 -6.78 2.03 -1.52
C ARG B 328 -6.74 2.39 -0.03
N ARG B 329 -6.82 1.38 0.82
CA ARG B 329 -6.79 1.58 2.27
C ARG B 329 -5.36 1.77 2.76
N GLY B 330 -5.14 1.63 4.06
CA GLY B 330 -3.85 1.84 4.68
C GLY B 330 -2.70 1.07 4.06
N GLN B 331 -1.49 1.32 4.55
CA GLN B 331 -0.27 0.84 3.91
C GLN B 331 -0.30 -0.67 3.65
N SER B 332 -0.31 -1.05 2.37
CA SER B 332 -0.29 -2.44 1.93
C SER B 332 -1.46 -3.24 2.50
N GLN B 333 -2.56 -2.57 2.82
CA GLN B 333 -3.74 -3.27 3.28
C GLN B 333 -4.37 -4.05 2.14
N LYS B 334 -5.28 -4.95 2.49
CA LYS B 334 -5.86 -5.84 1.50
C LYS B 334 -7.38 -5.85 1.63
N PRO B 335 -8.10 -6.14 0.55
CA PRO B 335 -9.57 -6.13 0.63
C PRO B 335 -10.07 -7.28 1.49
N GLU B 336 -11.05 -6.96 2.34
CA GLU B 336 -11.67 -7.98 3.19
C GLU B 336 -12.67 -8.83 2.43
N GLU B 337 -13.00 -8.46 1.19
CA GLU B 337 -13.90 -9.27 0.38
C GLU B 337 -13.22 -10.51 -0.18
N ILE B 338 -11.88 -10.57 -0.16
CA ILE B 338 -11.22 -11.81 -0.57
C ILE B 338 -11.50 -12.92 0.44
N TYR B 339 -11.70 -12.56 1.71
CA TYR B 339 -12.10 -13.59 2.68
C TYR B 339 -13.52 -14.05 2.41
N GLN B 340 -14.39 -13.16 1.93
CA GLN B 340 -15.69 -13.58 1.45
C GLN B 340 -15.56 -14.51 0.25
N TYR B 341 -14.62 -14.21 -0.65
CA TYR B 341 -14.33 -15.08 -1.77
C TYR B 341 -13.95 -16.47 -1.29
N ILE B 342 -13.02 -16.53 -0.32
CA ILE B 342 -12.55 -17.81 0.19
C ILE B 342 -13.67 -18.56 0.89
N ASN B 343 -14.54 -17.84 1.60
CA ASN B 343 -15.70 -18.48 2.22
C ASN B 343 -16.62 -19.08 1.16
N GLN B 344 -16.79 -18.37 0.04
CA GLN B 344 -17.48 -18.97 -1.10
C GLN B 344 -16.72 -20.17 -1.63
N LEU B 345 -15.40 -20.18 -1.47
CA LEU B 345 -14.56 -21.20 -2.10
C LEU B 345 -14.56 -22.50 -1.30
N CYS B 346 -14.11 -22.46 -0.05
CA CYS B 346 -13.92 -23.66 0.76
C CYS B 346 -14.57 -23.47 2.13
N PRO B 347 -15.89 -23.36 2.19
CA PRO B 347 -16.56 -23.14 3.47
C PRO B 347 -16.53 -24.38 4.34
N ASN B 348 -16.82 -24.17 5.63
CA ASN B 348 -16.85 -25.23 6.63
C ASN B 348 -15.52 -25.98 6.68
N GLY B 349 -14.46 -25.22 6.91
CA GLY B 349 -13.13 -25.79 7.05
C GLY B 349 -12.18 -24.76 7.59
N ASN B 350 -11.12 -25.25 8.22
CA ASN B 350 -10.10 -24.37 8.78
C ASN B 350 -9.28 -23.75 7.65
N TYR B 351 -8.76 -22.56 7.90
CA TYR B 351 -8.00 -21.84 6.89
C TYR B 351 -6.61 -21.57 7.47
N LEU B 352 -5.77 -20.87 6.70
CA LEU B 352 -4.48 -20.43 7.23
C LEU B 352 -4.00 -19.23 6.41
N GLU B 353 -4.17 -18.03 6.95
CA GLU B 353 -3.46 -16.88 6.42
C GLU B 353 -2.14 -16.76 7.19
N ILE B 354 -1.14 -16.14 6.57
CA ILE B 354 0.17 -15.99 7.18
C ILE B 354 0.60 -14.53 7.08
N PHE B 355 1.27 -14.04 8.12
CA PHE B 355 1.66 -12.63 8.24
C PHE B 355 0.45 -11.70 8.25
N ALA B 356 -0.35 -11.84 9.30
CA ALA B 356 -1.60 -11.11 9.45
C ALA B 356 -1.42 -9.84 10.27
N ARG B 357 -2.52 -9.11 10.41
CA ARG B 357 -2.69 -8.03 11.37
C ARG B 357 -4.04 -8.20 12.05
N ARG B 358 -4.34 -7.31 13.00
CA ARG B 358 -5.60 -7.38 13.73
C ARG B 358 -6.80 -7.27 12.81
N ASN B 359 -6.65 -6.62 11.65
CA ASN B 359 -7.73 -6.53 10.68
C ASN B 359 -8.08 -7.90 10.12
N ASN B 360 -7.07 -8.74 9.85
CA ASN B 360 -7.29 -9.96 9.10
C ASN B 360 -8.24 -10.93 9.79
N LEU B 361 -8.25 -10.96 11.12
CA LEU B 361 -8.91 -12.03 11.86
C LEU B 361 -10.38 -12.13 11.50
N HIS B 362 -10.83 -13.36 11.25
CA HIS B 362 -12.20 -13.64 10.88
C HIS B 362 -12.64 -14.92 11.58
N ASP B 363 -13.79 -15.44 11.18
CA ASP B 363 -14.26 -16.72 11.70
C ASP B 363 -13.70 -17.87 10.87
N ASN B 364 -13.33 -18.95 11.54
CA ASN B 364 -12.79 -20.17 10.92
C ASN B 364 -11.37 -19.96 10.41
N TRP B 365 -10.70 -18.90 10.90
CA TRP B 365 -9.35 -18.52 10.46
C TRP B 365 -8.31 -18.70 11.55
N VAL B 366 -7.72 -19.88 11.59
CA VAL B 366 -6.42 -20.05 12.22
C VAL B 366 -5.47 -19.14 11.46
N SER B 367 -4.93 -18.13 12.13
CA SER B 367 -4.15 -17.11 11.46
C SER B 367 -2.85 -16.89 12.21
N ILE B 368 -1.81 -16.49 11.48
CA ILE B 368 -0.50 -16.24 12.05
C ILE B 368 -0.04 -14.87 11.59
N GLY B 369 0.81 -14.23 12.39
CA GLY B 369 1.37 -12.94 12.04
C GLY B 369 2.20 -12.34 13.14
N ASN B 370 3.35 -11.76 12.78
CA ASN B 370 4.23 -11.17 13.79
C ASN B 370 3.54 -10.02 14.52
N GLU B 371 2.80 -9.20 13.80
CA GLU B 371 2.04 -8.10 14.39
C GLU B 371 0.63 -8.53 14.78
N LEU B 372 0.28 -9.79 14.58
CA LEU B 372 -1.05 -10.30 14.89
C LEU B 372 -1.22 -10.50 16.40
N LEU C 16 4.13 47.79 4.49
CA LEU C 16 3.13 46.79 4.84
C LEU C 16 3.45 45.45 4.19
N TRP C 17 3.29 44.37 4.95
CA TRP C 17 3.53 43.00 4.50
C TRP C 17 4.99 42.82 4.03
N ASN C 18 5.91 43.55 4.64
CA ASN C 18 7.32 43.39 4.31
C ASN C 18 7.80 42.01 4.76
N TYR C 19 8.58 41.35 3.90
CA TYR C 19 9.05 39.99 4.13
C TYR C 19 7.85 39.05 4.35
N THR C 20 7.07 38.91 3.27
CA THR C 20 5.80 38.20 3.29
C THR C 20 5.89 36.89 4.04
N LEU C 21 4.87 36.64 4.87
CA LEU C 21 4.88 35.55 5.84
C LEU C 21 4.03 34.38 5.35
N SER C 22 4.56 33.17 5.53
CA SER C 22 3.79 31.97 5.28
C SER C 22 2.67 31.84 6.31
N PRO C 23 1.55 31.22 5.94
CA PRO C 23 0.39 31.18 6.85
C PRO C 23 0.64 30.40 8.13
N GLY C 24 0.62 31.10 9.27
CA GLY C 24 0.67 30.46 10.56
C GLY C 24 2.03 30.28 11.17
N TRP C 25 3.02 31.08 10.79
CA TRP C 25 4.35 31.02 11.37
C TRP C 25 4.68 32.34 12.06
N ARG C 26 5.31 32.25 13.23
CA ARG C 26 5.65 33.44 13.99
C ARG C 26 6.83 34.18 13.36
N GLU C 27 6.89 35.49 13.62
CA GLU C 27 8.02 36.29 13.16
C GLU C 27 9.28 35.94 13.94
N GLU C 28 9.15 35.40 15.15
CA GLU C 28 10.31 34.91 15.88
C GLU C 28 10.96 33.74 15.13
N GLU C 29 10.14 32.85 14.57
CA GLU C 29 10.67 31.83 13.68
C GLU C 29 11.35 32.45 12.46
N VAL C 30 10.80 33.56 11.96
CA VAL C 30 11.40 34.23 10.82
C VAL C 30 12.79 34.75 11.15
N LYS C 31 12.95 35.36 12.34
CA LYS C 31 14.27 35.88 12.70
C LYS C 31 15.24 34.75 13.03
N ILE C 32 14.75 33.65 13.59
CA ILE C 32 15.60 32.47 13.78
C ILE C 32 16.09 31.97 12.42
N LEU C 33 15.19 31.91 11.44
CA LEU C 33 15.59 31.49 10.10
C LEU C 33 16.60 32.46 9.50
N LYS C 34 16.41 33.75 9.71
CA LYS C 34 17.36 34.74 9.19
C LYS C 34 18.74 34.54 9.79
N SER C 35 18.80 34.33 11.12
CA SER C 35 20.09 34.09 11.76
C SER C 35 20.73 32.79 11.27
N ALA C 36 19.92 31.73 11.12
CA ALA C 36 20.46 30.46 10.67
C ALA C 36 20.99 30.55 9.24
N LEU C 37 20.30 31.29 8.38
CA LEU C 37 20.76 31.46 7.01
C LEU C 37 22.00 32.35 6.95
N GLN C 38 22.08 33.35 7.83
CA GLN C 38 23.29 34.18 7.88
C GLN C 38 24.49 33.38 8.37
N LEU C 39 24.29 32.45 9.29
CA LEU C 39 25.41 31.67 9.82
C LEU C 39 25.77 30.50 8.90
N PHE C 40 24.76 29.73 8.47
CA PHE C 40 25.00 28.54 7.65
C PHE C 40 25.07 28.89 6.17
N GLY C 41 23.99 29.46 5.63
CA GLY C 41 23.93 29.79 4.22
C GLY C 41 22.69 29.27 3.52
N ILE C 42 22.33 29.89 2.40
CA ILE C 42 21.17 29.45 1.63
C ILE C 42 21.46 28.10 1.00
N GLY C 43 20.45 27.23 0.99
CA GLY C 43 20.58 25.91 0.41
C GLY C 43 21.05 24.85 1.38
N LYS C 44 21.62 25.23 2.51
CA LYS C 44 22.02 24.28 3.54
C LYS C 44 20.91 24.01 4.53
N TRP C 45 19.74 23.64 4.01
CA TRP C 45 18.59 23.35 4.87
C TRP C 45 18.85 22.15 5.75
N LYS C 46 19.64 21.19 5.28
CA LYS C 46 19.98 20.04 6.11
C LYS C 46 20.76 20.45 7.36
N LYS C 47 21.66 21.43 7.22
CA LYS C 47 22.35 21.96 8.39
C LYS C 47 21.38 22.69 9.32
N ILE C 48 20.36 23.34 8.76
CA ILE C 48 19.37 24.01 9.60
C ILE C 48 18.58 22.99 10.41
N MET C 49 18.19 21.88 9.78
CA MET C 49 17.54 20.80 10.53
C MET C 49 18.49 20.21 11.56
N GLU C 50 19.78 20.09 11.23
CA GLU C 50 20.75 19.58 12.18
C GLU C 50 20.85 20.47 13.41
N SER C 51 20.87 21.78 13.21
CA SER C 51 20.91 22.70 14.34
C SER C 51 19.64 22.60 15.18
N GLY C 52 18.49 22.40 14.54
CA GLY C 52 17.25 22.23 15.26
C GLY C 52 16.66 23.49 15.85
N CYS C 53 17.02 24.66 15.30
CA CYS C 53 16.49 25.91 15.81
C CYS C 53 15.09 26.23 15.28
N LEU C 54 14.58 25.45 14.34
CA LEU C 54 13.25 25.66 13.75
C LEU C 54 12.48 24.35 13.78
N PRO C 55 11.94 23.98 14.93
CA PRO C 55 11.17 22.74 15.01
C PRO C 55 9.87 22.83 14.21
N GLY C 56 9.44 21.68 13.72
CA GLY C 56 8.20 21.61 12.97
C GLY C 56 8.23 22.25 11.61
N LYS C 57 9.41 22.34 10.99
CA LYS C 57 9.57 22.96 9.68
C LYS C 57 10.18 21.96 8.71
N SER C 58 9.64 21.93 7.49
CA SER C 58 10.13 21.05 6.44
C SER C 58 11.06 21.82 5.51
N ILE C 59 11.84 21.07 4.73
CA ILE C 59 12.80 21.68 3.81
C ILE C 59 12.07 22.47 2.72
N GLY C 60 10.97 21.93 2.21
CA GLY C 60 10.22 22.66 1.20
C GLY C 60 9.61 23.95 1.72
N GLN C 61 8.98 23.88 2.89
CA GLN C 61 8.34 25.06 3.45
C GLN C 61 9.37 26.14 3.81
N ILE C 62 10.51 25.72 4.37
CA ILE C 62 11.56 26.69 4.65
C ILE C 62 12.16 27.24 3.35
N TYR C 63 12.15 26.43 2.29
CA TYR C 63 12.60 26.92 0.98
C TYR C 63 11.69 28.02 0.46
N MET C 64 10.36 27.81 0.52
CA MET C 64 9.44 28.87 0.13
C MET C 64 9.56 30.09 1.04
N GLN C 65 9.78 29.88 2.33
CA GLN C 65 9.95 31.00 3.24
C GLN C 65 11.19 31.81 2.87
N THR C 66 12.27 31.12 2.49
CA THR C 66 13.46 31.81 2.00
C THR C 66 13.14 32.57 0.72
N GLN C 67 12.31 31.99 -0.15
CA GLN C 67 11.87 32.70 -1.35
C GLN C 67 11.21 34.03 -0.98
N ARG C 68 10.31 34.01 0.00
CA ARG C 68 9.67 35.25 0.43
C ARG C 68 10.67 36.21 1.05
N LEU C 69 11.57 35.70 1.90
CA LEU C 69 12.44 36.59 2.66
C LEU C 69 13.49 37.25 1.78
N LEU C 70 14.01 36.54 0.78
CA LEU C 70 14.99 37.12 -0.12
C LEU C 70 14.41 38.21 -1.01
N GLY C 71 13.11 38.19 -1.25
CA GLY C 71 12.50 39.11 -2.19
C GLY C 71 12.55 38.67 -3.64
N GLN C 72 13.13 37.50 -3.91
CA GLN C 72 13.18 36.93 -5.26
C GLN C 72 12.69 35.50 -5.17
N GLN C 73 11.68 35.16 -5.97
CA GLN C 73 11.07 33.83 -5.88
C GLN C 73 12.06 32.74 -6.26
N SER C 74 12.82 32.96 -7.33
CA SER C 74 13.78 31.96 -7.80
C SER C 74 15.01 31.97 -6.92
N LEU C 75 15.27 30.86 -6.24
CA LEU C 75 16.44 30.72 -5.39
C LEU C 75 17.64 30.12 -6.11
N GLY C 76 17.52 29.86 -7.41
CA GLY C 76 18.65 29.31 -8.15
C GLY C 76 19.85 30.22 -8.17
N ASP C 77 19.61 31.54 -8.17
CA ASP C 77 20.71 32.51 -8.14
C ASP C 77 21.25 32.75 -6.75
N PHE C 78 20.65 32.16 -5.72
CA PHE C 78 21.06 32.38 -4.34
C PHE C 78 21.52 31.09 -3.64
N MET C 79 21.67 29.99 -4.37
CA MET C 79 22.09 28.75 -3.75
C MET C 79 23.51 28.84 -3.24
N GLY C 80 23.74 28.30 -2.04
CA GLY C 80 25.07 28.28 -1.46
C GLY C 80 25.65 29.65 -1.18
N LEU C 81 24.83 30.57 -0.67
CA LEU C 81 25.25 31.94 -0.40
C LEU C 81 24.96 32.30 1.04
N GLN C 82 25.98 32.74 1.77
CA GLN C 82 25.79 33.29 3.11
C GLN C 82 25.60 34.81 3.05
N ILE C 83 24.65 35.25 2.23
CA ILE C 83 24.41 36.66 1.99
C ILE C 83 23.39 37.17 2.99
N ASP C 84 23.32 38.49 3.12
CA ASP C 84 22.36 39.13 4.01
C ASP C 84 20.97 39.10 3.37
N LEU C 85 20.01 38.47 4.05
CA LEU C 85 18.67 38.36 3.51
C LEU C 85 18.03 39.73 3.35
N GLU C 86 18.15 40.57 4.38
CA GLU C 86 17.53 41.90 4.35
C GLU C 86 18.16 42.77 3.27
N ALA C 87 19.48 42.65 3.06
CA ALA C 87 20.12 43.43 2.00
C ALA C 87 19.60 43.04 0.63
N VAL C 88 19.43 41.74 0.39
CA VAL C 88 18.89 41.29 -0.90
C VAL C 88 17.45 41.76 -1.06
N PHE C 89 16.66 41.70 0.01
CA PHE C 89 15.28 42.17 -0.06
C PHE C 89 15.22 43.67 -0.36
N ASN C 90 16.11 44.44 0.27
CA ASN C 90 16.15 45.88 0.03
C ASN C 90 16.57 46.19 -1.41
N GLN C 91 17.59 45.50 -1.92
CA GLN C 91 17.99 45.74 -3.30
C GLN C 91 16.95 45.23 -4.29
N ASN C 92 16.09 44.31 -3.87
CA ASN C 92 14.96 43.92 -4.71
C ASN C 92 13.90 44.99 -4.74
N MET C 93 13.68 45.70 -3.63
CA MET C 93 12.90 46.94 -3.74
C MET C 93 13.62 48.00 -4.56
N LYS C 94 14.96 47.98 -4.60
CA LYS C 94 15.68 48.92 -5.44
C LYS C 94 15.39 48.68 -6.91
N LYS C 95 14.96 47.47 -7.26
CA LYS C 95 14.52 47.12 -8.61
C LYS C 95 13.02 46.79 -8.61
N GLN C 96 12.24 47.56 -7.87
CA GLN C 96 10.80 47.33 -7.75
C GLN C 96 10.05 47.60 -9.05
N ASP C 97 10.72 48.06 -10.10
CA ASP C 97 10.05 48.27 -11.38
C ASP C 97 9.47 46.97 -11.92
N VAL C 98 10.07 45.83 -11.58
CA VAL C 98 9.51 44.53 -11.94
C VAL C 98 8.41 44.19 -10.95
N LEU C 99 7.39 43.47 -11.44
CA LEU C 99 6.26 43.09 -10.60
C LEU C 99 6.72 42.10 -9.55
N ARG C 100 6.73 42.53 -8.29
CA ARG C 100 7.17 41.69 -7.17
C ARG C 100 5.94 41.05 -6.54
N LYS C 101 5.45 39.99 -7.17
CA LYS C 101 4.31 39.26 -6.65
C LYS C 101 4.69 38.59 -5.34
N ASN C 102 3.90 38.84 -4.30
CA ASN C 102 4.18 38.33 -2.95
C ASN C 102 5.58 38.76 -2.51
N ASN C 103 5.96 39.98 -2.90
CA ASN C 103 7.29 40.53 -2.63
C ASN C 103 8.38 39.58 -3.11
N CYS C 104 8.18 38.99 -4.28
CA CYS C 104 9.14 38.06 -4.88
C CYS C 104 9.32 38.42 -6.35
N ILE C 105 10.57 38.46 -6.79
CA ILE C 105 10.90 38.78 -8.18
C ILE C 105 11.09 37.47 -8.93
N ILE C 106 10.39 37.35 -10.07
CA ILE C 106 10.55 36.19 -10.93
C ILE C 106 11.79 36.38 -11.77
N ASN C 107 12.74 35.45 -11.65
CA ASN C 107 13.99 35.56 -12.38
C ASN C 107 13.75 35.41 -13.88
N THR C 108 14.33 36.31 -14.67
CA THR C 108 14.13 36.26 -16.12
C THR C 108 14.87 35.09 -16.74
N GLY C 109 15.91 34.58 -16.08
CA GLY C 109 16.62 33.43 -16.61
C GLY C 109 15.81 32.16 -16.44
N ASP C 110 15.54 31.49 -17.56
CA ASP C 110 14.78 30.24 -17.56
C ASP C 110 15.76 29.10 -17.33
N ASN C 111 15.81 28.62 -16.07
CA ASN C 111 16.60 27.50 -15.55
C ASN C 111 17.92 27.30 -16.31
N PRO C 112 18.83 28.27 -16.25
CA PRO C 112 20.05 28.20 -17.07
C PRO C 112 20.91 27.02 -16.69
N THR C 113 21.89 26.75 -17.55
CA THR C 113 22.81 25.63 -17.34
C THR C 113 23.56 25.79 -16.03
N LYS C 114 24.16 24.70 -15.56
CA LYS C 114 24.89 24.73 -14.30
C LYS C 114 26.04 25.72 -14.34
N GLU C 115 26.63 25.95 -15.52
CA GLU C 115 27.70 26.94 -15.62
C GLU C 115 27.17 28.36 -15.44
N GLU C 116 26.07 28.69 -16.13
CA GLU C 116 25.47 30.02 -15.98
C GLU C 116 24.90 30.22 -14.58
N ARG C 117 24.26 29.21 -14.02
CA ARG C 117 23.79 29.32 -12.64
C ARG C 117 24.96 29.47 -11.68
N LYS C 118 26.08 28.81 -11.95
CA LYS C 118 27.25 28.93 -11.08
C LYS C 118 27.85 30.34 -11.15
N ARG C 119 27.95 30.91 -12.35
CA ARG C 119 28.47 32.28 -12.43
C ARG C 119 27.48 33.27 -11.81
N ARG C 120 26.18 32.98 -11.88
CA ARG C 120 25.19 33.80 -11.18
C ARG C 120 25.40 33.71 -9.67
N ILE C 121 25.69 32.51 -9.16
CA ILE C 121 26.01 32.33 -7.75
C ILE C 121 27.23 33.16 -7.38
N GLU C 122 28.26 33.11 -8.22
CA GLU C 122 29.48 33.86 -7.95
C GLU C 122 29.22 35.36 -7.92
N GLN C 123 28.44 35.87 -8.90
CA GLN C 123 28.19 37.30 -8.96
C GLN C 123 27.32 37.76 -7.79
N ASN C 124 26.34 36.95 -7.38
CA ASN C 124 25.51 37.33 -6.24
C ASN C 124 26.28 37.26 -4.93
N ARG C 125 27.23 36.33 -4.83
CA ARG C 125 28.11 36.32 -3.66
C ARG C 125 29.01 37.54 -3.64
N LYS C 126 29.54 37.92 -4.80
CA LYS C 126 30.43 39.08 -4.88
C LYS C 126 29.69 40.37 -4.55
N ILE C 127 28.44 40.50 -5.00
CA ILE C 127 27.67 41.71 -4.72
C ILE C 127 27.45 41.85 -3.21
N TYR C 128 26.75 40.89 -2.61
CA TYR C 128 26.59 40.83 -1.16
C TYR C 128 27.26 39.57 -0.60
N GLU C 154 -2.44 21.84 24.35
CA GLU C 154 -2.70 22.46 23.06
C GLU C 154 -1.96 21.74 21.95
N ASP C 155 -0.63 21.83 21.98
CA ASP C 155 0.18 21.25 20.91
C ASP C 155 0.00 19.74 20.82
N ILE C 156 0.00 19.06 21.97
CA ILE C 156 -0.21 17.62 22.00
C ILE C 156 -1.66 17.26 22.34
N GLU C 157 -2.43 18.20 22.89
CA GLU C 157 -3.86 17.99 23.05
C GLU C 157 -4.52 17.68 21.71
N ASN C 158 -3.93 18.15 20.62
CA ASN C 158 -4.39 17.84 19.28
C ASN C 158 -3.93 16.44 18.90
N GLU C 159 -4.02 16.11 17.61
CA GLU C 159 -3.56 14.87 16.99
C GLU C 159 -4.52 13.70 17.23
N LYS C 160 -5.63 13.91 17.93
CA LYS C 160 -6.63 12.86 18.19
C LYS C 160 -5.99 11.64 18.85
N PHE C 161 -5.09 11.90 19.80
CA PHE C 161 -4.41 10.83 20.50
C PHE C 161 -5.22 10.37 21.71
N THR C 162 -4.91 9.17 22.20
CA THR C 162 -5.64 8.59 23.31
C THR C 162 -5.20 9.24 24.62
N ASN C 163 -5.85 8.83 25.72
CA ASN C 163 -5.62 9.48 27.00
C ASN C 163 -4.19 9.29 27.50
N LEU C 164 -3.60 8.12 27.24
CA LEU C 164 -2.31 7.79 27.83
C LEU C 164 -1.25 8.83 27.48
N GLU C 165 -0.94 8.97 26.19
CA GLU C 165 0.14 9.86 25.77
C GLU C 165 -0.21 11.33 25.94
N ILE C 166 -1.48 11.71 25.81
CA ILE C 166 -1.83 13.12 26.04
C ILE C 166 -1.58 13.48 27.50
N LEU C 167 -1.95 12.59 28.43
CA LEU C 167 -1.61 12.84 29.83
C LEU C 167 -0.11 12.78 30.06
N THR C 168 0.59 11.92 29.30
CA THR C 168 2.04 11.85 29.41
C THR C 168 2.69 13.19 29.07
N HIS C 169 2.20 13.85 28.03
CA HIS C 169 2.70 15.19 27.75
C HIS C 169 2.15 16.23 28.71
N LEU C 170 0.94 16.03 29.22
CA LEU C 170 0.28 16.99 30.10
C LEU C 170 0.97 17.14 31.45
N TYR C 171 1.38 16.03 32.08
CA TYR C 171 1.88 16.16 33.44
C TYR C 171 3.23 16.88 33.45
N ASN C 172 4.11 16.56 32.51
CA ASN C 172 5.39 17.26 32.48
C ASN C 172 5.26 18.65 31.83
N LEU C 173 4.20 18.89 31.04
CA LEU C 173 3.88 20.26 30.66
C LEU C 173 3.53 21.08 31.90
N LYS C 174 2.73 20.52 32.80
CA LYS C 174 2.38 21.24 34.02
C LYS C 174 3.61 21.39 34.93
N ALA C 175 4.50 20.40 34.94
CA ALA C 175 5.74 20.56 35.69
C ALA C 175 6.58 21.70 35.13
N GLU C 176 6.66 21.79 33.80
CA GLU C 176 7.35 22.90 33.16
C GLU C 176 6.72 24.24 33.53
N ILE C 177 5.39 24.30 33.53
CA ILE C 177 4.72 25.55 33.87
C ILE C 177 4.95 25.91 35.33
N VAL C 178 4.95 24.90 36.22
CA VAL C 178 5.20 25.16 37.63
C VAL C 178 6.62 25.68 37.84
N ARG C 179 7.59 25.10 37.13
CA ARG C 179 8.96 25.60 37.23
C ARG C 179 9.05 27.03 36.68
N ARG C 180 8.33 27.30 35.59
CA ARG C 180 8.31 28.65 35.02
C ARG C 180 7.75 29.67 36.01
N LEU C 181 6.69 29.29 36.72
CA LEU C 181 6.16 30.18 37.76
C LEU C 181 7.11 30.30 38.94
N ALA C 182 7.85 29.23 39.25
CA ALA C 182 8.81 29.28 40.35
C ALA C 182 9.94 30.25 40.04
N GLU C 183 10.44 30.24 38.80
CA GLU C 183 11.50 31.18 38.44
C GLU C 183 10.99 32.59 38.22
N GLN C 184 9.67 32.78 38.09
CA GLN C 184 9.11 34.11 37.95
C GLN C 184 8.95 34.79 39.31
N PRO D 11 -13.38 -31.65 12.23
CA PRO D 11 -14.34 -31.46 13.31
C PRO D 11 -15.28 -30.28 13.05
N LEU D 12 -16.57 -30.56 12.96
CA LEU D 12 -17.57 -29.53 12.70
C LEU D 12 -17.95 -28.74 13.94
N ASP D 13 -17.45 -29.13 15.12
CA ASP D 13 -17.69 -28.38 16.36
C ASP D 13 -16.76 -27.18 16.39
N PHE D 14 -17.13 -26.16 15.60
CA PHE D 14 -16.21 -25.05 15.32
C PHE D 14 -15.84 -24.29 16.59
N THR D 15 -16.79 -24.06 17.49
CA THR D 15 -16.50 -23.29 18.69
C THR D 15 -15.58 -24.06 19.64
N GLN D 16 -15.90 -25.33 19.89
CA GLN D 16 -15.04 -26.15 20.74
C GLN D 16 -13.66 -26.34 20.13
N TYR D 17 -13.63 -26.56 18.81
CA TYR D 17 -12.37 -26.64 18.08
C TYR D 17 -11.54 -25.38 18.26
N ALA D 18 -12.17 -24.21 18.11
CA ALA D 18 -11.45 -22.96 18.25
C ALA D 18 -10.91 -22.79 19.66
N LYS D 19 -11.72 -23.12 20.67
CA LYS D 19 -11.25 -23.02 22.04
C LYS D 19 -10.07 -23.96 22.29
N ASN D 20 -10.14 -25.17 21.75
CA ASN D 20 -9.05 -26.13 21.92
C ASN D 20 -7.77 -25.60 21.30
N MET D 21 -7.85 -25.08 20.07
CA MET D 21 -6.65 -24.55 19.43
C MET D 21 -6.11 -23.34 20.17
N ARG D 22 -7.00 -22.48 20.68
CA ARG D 22 -6.53 -21.34 21.45
C ARG D 22 -5.78 -21.79 22.70
N LYS D 23 -6.31 -22.79 23.39
CA LYS D 23 -5.62 -23.31 24.56
C LYS D 23 -4.29 -23.95 24.19
N ASP D 24 -4.25 -24.65 23.05
CA ASP D 24 -3.05 -25.40 22.69
C ASP D 24 -1.94 -24.49 22.20
N LEU D 25 -2.27 -23.46 21.42
CA LEU D 25 -1.29 -22.65 20.70
C LEU D 25 -1.19 -21.22 21.18
N SER D 26 -2.33 -20.57 21.43
CA SER D 26 -2.32 -19.13 21.71
C SER D 26 -1.61 -18.82 23.01
N ASN D 27 -1.04 -17.62 23.09
CA ASN D 27 -0.33 -17.18 24.28
C ASN D 27 -1.29 -16.98 25.45
N GLN D 28 -0.73 -17.03 26.66
CA GLN D 28 -1.55 -16.88 27.86
C GLN D 28 -2.19 -15.50 27.93
N ASP D 29 -1.45 -14.45 27.56
CA ASP D 29 -2.00 -13.11 27.57
C ASP D 29 -3.02 -12.89 26.47
N ILE D 30 -3.16 -13.84 25.55
CA ILE D 30 -4.17 -13.75 24.50
C ILE D 30 -5.48 -14.41 24.93
N CYS D 31 -5.42 -15.68 25.33
CA CYS D 31 -6.58 -16.43 25.76
C CYS D 31 -6.33 -17.03 27.13
N LEU D 32 -7.40 -17.17 27.90
CA LEU D 32 -7.30 -17.76 29.24
C LEU D 32 -6.98 -19.24 29.14
N GLU D 33 -6.88 -19.89 30.30
CA GLU D 33 -6.55 -21.31 30.32
C GLU D 33 -7.60 -22.14 29.58
N ASP D 34 -8.88 -21.86 29.83
CA ASP D 34 -9.97 -22.44 29.05
C ASP D 34 -11.01 -21.38 28.76
N GLY D 35 -10.56 -20.19 28.38
CA GLY D 35 -11.42 -19.03 28.24
C GLY D 35 -11.80 -18.74 26.80
N ALA D 36 -12.58 -17.67 26.65
CA ALA D 36 -13.01 -17.18 25.35
C ALA D 36 -11.89 -16.36 24.71
N LEU D 37 -12.24 -15.60 23.67
CA LEU D 37 -11.23 -14.83 22.94
C LEU D 37 -10.54 -13.80 23.81
N ASN D 38 -11.13 -13.42 24.94
CA ASN D 38 -10.60 -12.39 25.83
C ASN D 38 -10.47 -11.06 25.09
N HIS D 39 -11.64 -10.52 24.75
CA HIS D 39 -11.73 -9.26 24.00
C HIS D 39 -10.98 -8.11 24.65
N SER D 40 -10.66 -8.22 25.93
CA SER D 40 -9.95 -7.12 26.61
C SER D 40 -8.58 -6.88 25.98
N TYR D 41 -7.86 -7.95 25.65
CA TYR D 41 -6.58 -7.78 24.99
C TYR D 41 -6.75 -7.23 23.58
N PHE D 42 -7.84 -7.60 22.90
CA PHE D 42 -8.08 -7.11 21.55
C PHE D 42 -8.34 -5.61 21.54
N LEU D 43 -9.22 -5.14 22.42
CA LEU D 43 -9.58 -3.72 22.41
C LEU D 43 -8.39 -2.84 22.77
N THR D 44 -7.59 -3.24 23.75
CA THR D 44 -6.37 -2.51 24.04
C THR D 44 -5.33 -2.80 22.95
N LYS D 45 -4.31 -1.96 22.90
CA LYS D 45 -3.26 -2.09 21.90
C LYS D 45 -2.23 -3.13 22.34
N LYS D 46 -1.39 -3.54 21.37
CA LYS D 46 -0.32 -4.49 21.64
C LYS D 46 0.84 -3.77 22.30
N GLY D 47 1.18 -4.19 23.51
CA GLY D 47 2.27 -3.57 24.25
C GLY D 47 1.89 -3.22 25.67
N GLN D 48 0.62 -2.86 25.87
CA GLN D 48 0.09 -2.56 27.19
C GLN D 48 -1.23 -3.29 27.35
N TYR D 49 -1.26 -4.32 28.20
CA TYR D 49 -2.55 -5.02 28.51
C TYR D 49 -2.49 -5.38 29.99
N TRP D 50 -3.63 -5.70 30.60
CA TRP D 50 -3.61 -5.93 32.07
C TRP D 50 -4.06 -7.34 32.42
N THR D 51 -3.18 -8.33 32.24
CA THR D 51 -3.47 -9.67 32.66
C THR D 51 -3.74 -9.67 34.16
N PRO D 52 -4.38 -10.73 34.68
CA PRO D 52 -4.50 -10.85 36.14
C PRO D 52 -3.15 -10.79 36.84
N LEU D 53 -2.08 -11.25 36.18
CA LEU D 53 -0.75 -11.13 36.75
C LEU D 53 -0.37 -9.67 36.96
N ASN D 54 -0.62 -8.82 35.96
CA ASN D 54 -0.26 -7.41 36.10
C ASN D 54 -1.06 -6.73 37.20
N GLN D 55 -2.36 -7.01 37.30
CA GLN D 55 -3.16 -6.35 38.32
C GLN D 55 -2.81 -6.86 39.71
N LYS D 56 -2.51 -8.15 39.86
CA LYS D 56 -2.08 -8.64 41.16
C LYS D 56 -0.70 -8.09 41.54
N ALA D 57 0.17 -7.89 40.55
CA ALA D 57 1.46 -7.26 40.81
C ALA D 57 1.28 -5.81 41.26
N LEU D 58 0.35 -5.09 40.63
CA LEU D 58 0.09 -3.71 41.06
C LEU D 58 -0.54 -3.68 42.44
N GLN D 59 -1.37 -4.68 42.76
CA GLN D 59 -1.89 -4.79 44.13
C GLN D 59 -0.76 -5.04 45.13
N ARG D 60 0.22 -5.87 44.75
CA ARG D 60 1.42 -6.03 45.55
C ARG D 60 2.15 -4.71 45.75
N GLY D 61 2.27 -3.93 44.68
CA GLY D 61 2.88 -2.61 44.79
C GLY D 61 2.13 -1.70 45.75
N ILE D 62 0.80 -1.77 45.71
CA ILE D 62 -0.01 -1.01 46.67
C ILE D 62 0.25 -1.49 48.09
N GLU D 63 0.33 -2.81 48.28
CA GLU D 63 0.67 -3.35 49.59
C GLU D 63 2.07 -2.95 50.05
N LEU D 64 2.96 -2.61 49.11
CA LEU D 64 4.33 -2.27 49.47
C LEU D 64 4.39 -1.02 50.33
N PHE D 65 3.77 0.07 49.87
CA PHE D 65 3.77 1.32 50.62
C PHE D 65 2.42 2.01 50.67
N GLY D 66 1.51 1.74 49.74
CA GLY D 66 0.25 2.45 49.70
C GLY D 66 0.40 3.83 49.08
N VAL D 67 -0.73 4.53 48.98
CA VAL D 67 -0.76 5.84 48.36
C VAL D 67 0.07 6.82 49.19
N GLY D 68 0.86 7.63 48.51
CA GLY D 68 1.75 8.58 49.15
C GLY D 68 2.91 8.91 48.22
N ASN D 69 4.08 9.11 48.84
CA ASN D 69 5.31 9.42 48.10
C ASN D 69 6.02 8.14 47.64
N TRP D 70 5.27 7.27 46.96
CA TRP D 70 5.75 5.97 46.54
C TRP D 70 6.15 6.04 45.07
N LYS D 71 7.40 6.40 44.85
CA LYS D 71 7.93 6.66 43.51
C LYS D 71 8.59 5.43 42.88
N GLU D 72 8.62 4.29 43.57
CA GLU D 72 9.18 3.07 43.04
C GLU D 72 8.17 2.25 42.23
N ILE D 73 7.14 2.90 41.71
CA ILE D 73 6.08 2.20 40.98
C ILE D 73 6.65 1.56 39.71
N ASN D 74 7.50 2.29 38.99
CA ASN D 74 8.13 1.74 37.79
C ASN D 74 9.41 0.98 38.11
N TYR D 75 10.06 1.28 39.23
CA TYR D 75 11.32 0.61 39.57
C TYR D 75 11.11 -0.88 39.76
N ASP D 76 10.01 -1.28 40.41
CA ASP D 76 9.75 -2.69 40.66
C ASP D 76 9.41 -3.45 39.39
N GLU D 77 8.95 -2.77 38.34
CA GLU D 77 8.55 -3.41 37.09
C GLU D 77 7.54 -4.53 37.34
N PHE D 78 6.58 -4.26 38.24
CA PHE D 78 5.59 -5.27 38.60
C PHE D 78 4.74 -5.66 37.40
N SER D 79 4.33 -4.68 36.59
CA SER D 79 3.62 -4.97 35.35
C SER D 79 4.62 -5.09 34.21
N GLY D 80 4.19 -5.78 33.15
CA GLY D 80 5.04 -5.98 31.99
C GLY D 80 5.45 -4.68 31.32
N LYS D 81 6.72 -4.33 31.43
CA LYS D 81 7.26 -3.06 30.92
C LYS D 81 6.43 -1.88 31.46
N ALA D 82 6.52 -1.74 32.78
CA ALA D 82 5.69 -0.77 33.49
C ALA D 82 5.93 0.65 32.97
N ASN D 83 4.83 1.37 32.74
CA ASN D 83 4.85 2.76 32.34
C ASN D 83 4.24 3.59 33.47
N ILE D 84 4.96 4.64 33.90
CA ILE D 84 4.61 5.30 35.16
C ILE D 84 3.19 5.87 35.11
N VAL D 85 2.83 6.54 34.01
CA VAL D 85 1.52 7.18 33.94
C VAL D 85 0.42 6.13 33.83
N GLU D 86 0.62 5.09 33.03
CA GLU D 86 -0.41 4.06 32.91
C GLU D 86 -0.59 3.31 34.23
N LEU D 87 0.51 2.94 34.89
CA LEU D 87 0.43 2.28 36.19
C LEU D 87 -0.28 3.16 37.22
N GLU D 88 0.08 4.44 37.29
CA GLU D 88 -0.61 5.31 38.25
C GLU D 88 -2.06 5.53 37.88
N LEU D 89 -2.40 5.42 36.60
CA LEU D 89 -3.79 5.52 36.18
C LEU D 89 -4.58 4.29 36.60
N ARG D 90 -3.97 3.12 36.49
CA ARG D 90 -4.66 1.85 36.73
C ARG D 90 -4.66 1.42 38.19
N THR D 91 -4.07 2.21 39.08
CA THR D 91 -4.16 1.96 40.50
C THR D 91 -5.29 2.74 41.15
N CYS D 92 -6.14 3.38 40.35
CA CYS D 92 -7.16 4.29 40.85
C CYS D 92 -8.55 3.68 40.91
N MET D 93 -8.90 2.79 39.98
CA MET D 93 -10.24 2.21 40.00
C MET D 93 -10.47 1.35 41.23
N ILE D 94 -9.40 0.74 41.77
CA ILE D 94 -9.53 -0.05 42.99
C ILE D 94 -9.97 0.83 44.15
N LEU D 95 -9.36 2.00 44.29
CA LEU D 95 -9.77 2.94 45.33
C LEU D 95 -11.16 3.52 45.06
N GLY D 96 -11.52 3.65 43.79
CA GLY D 96 -12.84 4.12 43.41
C GLY D 96 -13.07 5.61 43.50
N ILE D 97 -12.04 6.39 43.83
CA ILE D 97 -12.16 7.83 44.01
C ILE D 97 -11.17 8.51 43.06
N ASN D 98 -11.61 9.57 42.40
CA ASN D 98 -10.77 10.23 41.40
C ASN D 98 -9.48 10.76 42.02
N ASP D 99 -9.58 11.40 43.18
CA ASP D 99 -8.41 11.93 43.86
C ASP D 99 -7.99 10.98 44.99
N ILE D 100 -6.68 10.88 45.20
CA ILE D 100 -6.11 10.01 46.21
C ILE D 100 -5.53 10.80 47.37
N THR D 101 -5.85 12.09 47.47
CA THR D 101 -5.26 12.93 48.50
C THR D 101 -5.66 12.50 49.90
N GLU D 102 -6.79 11.80 50.04
CA GLU D 102 -7.23 11.32 51.34
C GLU D 102 -6.58 10.02 51.74
N TYR D 103 -5.71 9.46 50.91
CA TYR D 103 -4.90 8.30 51.28
C TYR D 103 -3.41 8.56 51.15
N TYR D 104 -2.99 9.83 51.15
CA TYR D 104 -1.59 10.16 51.03
C TYR D 104 -0.82 9.73 52.27
N GLY D 105 0.36 9.16 52.04
CA GLY D 105 1.26 8.80 53.13
C GLY D 105 0.76 7.70 54.04
N LYS D 106 0.17 6.64 53.48
CA LYS D 106 -0.20 5.50 54.29
C LYS D 106 -0.29 4.26 53.39
N LYS D 107 -0.17 3.10 54.02
CA LYS D 107 -0.29 1.82 53.33
C LYS D 107 -1.73 1.34 53.35
N ILE D 108 -2.15 0.71 52.25
CA ILE D 108 -3.51 0.22 52.07
C ILE D 108 -3.46 -1.28 51.86
N SER D 109 -4.21 -2.02 52.67
CA SER D 109 -4.19 -3.48 52.63
C SER D 109 -5.30 -4.04 51.74
N GLU D 110 -6.55 -3.74 52.06
CA GLU D 110 -7.71 -4.17 51.30
C GLU D 110 -8.39 -2.93 50.74
N GLU D 111 -9.57 -3.09 50.16
CA GLU D 111 -10.23 -1.93 49.55
C GLU D 111 -10.91 -1.06 50.61
N GLU D 112 -11.94 -1.59 51.29
CA GLU D 112 -12.77 -0.89 52.28
C GLU D 112 -13.03 0.57 51.92
N GLN D 113 -13.26 0.87 50.63
CA GLN D 113 -13.47 2.25 50.22
C GLN D 113 -14.71 2.39 49.35
N GLU D 114 -15.08 1.32 48.65
CA GLU D 114 -16.30 1.38 47.83
C GLU D 114 -17.54 1.53 48.70
N GLU D 115 -17.57 0.87 49.85
CA GLU D 115 -18.76 0.92 50.71
C GLU D 115 -18.92 2.30 51.36
N ILE D 116 -17.82 2.87 51.85
CA ILE D 116 -17.89 4.16 52.52
C ILE D 116 -18.18 5.31 51.57
N LYS D 117 -18.09 5.08 50.26
CA LYS D 117 -18.27 6.15 49.29
C LYS D 117 -19.51 5.98 48.41
N LYS D 118 -19.97 4.74 48.18
CA LYS D 118 -21.17 4.56 47.39
C LYS D 118 -22.41 5.12 48.09
N SER D 119 -22.34 5.31 49.41
CA SER D 119 -23.44 5.96 50.13
C SER D 119 -23.60 7.41 49.72
N ASN D 120 -22.53 8.04 49.23
CA ASN D 120 -22.55 9.44 48.80
C ASN D 120 -23.17 9.48 47.41
N ILE D 121 -24.51 9.50 47.38
CA ILE D 121 -25.22 9.52 46.11
C ILE D 121 -24.97 10.82 45.37
N ALA D 122 -25.03 11.95 46.08
CA ALA D 122 -24.81 13.24 45.44
C ALA D 122 -23.38 13.37 44.92
N LYS D 123 -22.41 12.91 45.69
CA LYS D 123 -21.02 13.00 45.28
C LYS D 123 -20.75 12.13 44.05
N GLY D 124 -21.37 10.96 43.99
CA GLY D 124 -21.24 10.10 42.84
C GLY D 124 -21.26 8.61 43.14
N LYS D 125 -22.04 7.86 42.36
CA LYS D 125 -22.12 6.42 42.49
C LYS D 125 -22.10 5.69 41.15
N LYS D 126 -22.31 6.39 40.04
CA LYS D 126 -22.36 5.75 38.73
C LYS D 126 -20.97 5.28 38.31
N GLU D 127 -20.95 4.39 37.30
CA GLU D 127 -19.76 3.71 36.78
C GLU D 127 -18.83 3.22 37.89
N ASN D 128 -19.40 2.81 39.02
CA ASN D 128 -18.63 2.30 40.16
C ASN D 128 -17.53 3.27 40.57
N LYS D 129 -17.86 4.56 40.55
CA LYS D 129 -16.89 5.59 40.87
C LYS D 129 -17.63 6.79 41.48
N LEU D 130 -16.87 7.62 42.18
CA LEU D 130 -17.40 8.82 42.82
C LEU D 130 -16.63 10.03 42.30
N LYS D 131 -17.36 11.10 42.02
CA LYS D 131 -16.76 12.33 41.52
C LYS D 131 -16.11 13.08 42.68
N ASP D 132 -14.79 13.16 42.67
CA ASP D 132 -14.02 13.82 43.72
C ASP D 132 -14.35 13.28 45.11
#